data_1RWA
#
_entry.id   1RWA
#
_cell.length_a   57.356
_cell.length_b   85.256
_cell.length_c   82.162
_cell.angle_alpha   90.00
_cell.angle_beta   105.78
_cell.angle_gamma   90.00
#
_symmetry.space_group_name_H-M   'P 1 21 1'
#
loop_
_entity.id
_entity.type
_entity.pdbx_description
1 polymer 'chondroitin AC lyase'
2 non-polymer 'MERCURY (II) ION'
3 non-polymer GLYCEROL
4 water water
#
_entity_poly.entity_id   1
_entity_poly.type   'polypeptide(L)'
_entity_poly.pdbx_seq_one_letter_code
;EAEPGAAEFAALRNRWVDQITGRNVIQAGDPDFAKAITALNNKAADSLAKLDAAAGRTSVFTDLSLAKDAEMVTTYTRLS
QLATAWATPTAAVFGDAAVLAAIKAGLADANTLCYNDRKEEVGNWWSWEIGVPRALADAMVLLHAELSAAERTAYCAAID
HFVPDPWLQFPPKRGKITSVGANRVDLCQGIIIRSLAGEDPTKLNHAVAGLSQVWQYVTSGDGIFRDGSFIQHSTTPYTG
SYGVVLLTGLSKLFSLLGGTAFEVSDPTRSIFFDAVEGSFAPVMINGAMADAVRGRSISREANTGYDLGASAIEAILLLA
RAMDPATAARWRGLCAGWIARDTYRPILNSASVPRTALVKQLEATGVAPVAEATGHKLFPAMDRTMHRGPGWALSLALSS
NRIAWYECGNGENNRGYHTGSGMTYFYTSDLGQYDDAFWATANYNRLPGITVDTTPLPDKVEGQWGAAVPADEWSGATAL
GEVAAVGQHLVGPGRTGLTARKSWFVSGDVTVCLGADISTASGAKVETIVDHRNLHQGSNTLTTAAGTIAGTAGTVEVLG
DGRWVHLEGFGGYAMLDDSPLHVLRETRSGSWSGVNINGSATVQQRNFATLYVNHGVGPVAGSYAYMVAPGASVDLTRKL
LEGNKYSVIRNDATAQSVEFKTAKTTAATFWKPGMAGDLGASGPACVVFSRHGNELSLAVSEPTQKAAGLTLTLPEGTWS
SVLEGAGTLGTDADGRSTLTLDTTGLSGKTKLIKLKR
;
_entity_poly.pdbx_strand_id   A
#
# COMPACT_ATOMS: atom_id res chain seq x y z
N PRO A 4 38.57 12.10 7.46
CA PRO A 4 38.09 12.61 6.14
C PRO A 4 37.94 14.13 6.09
N GLY A 5 38.34 14.71 4.96
CA GLY A 5 38.32 16.17 4.80
C GLY A 5 37.75 16.74 3.51
N ALA A 6 38.27 17.88 3.10
CA ALA A 6 37.68 18.70 2.03
C ALA A 6 37.51 17.94 0.72
N ALA A 7 38.48 17.09 0.42
CA ALA A 7 38.46 16.37 -0.85
C ALA A 7 37.30 15.33 -0.83
N GLU A 8 37.14 14.68 0.29
CA GLU A 8 36.13 13.63 0.48
C GLU A 8 34.72 14.25 0.43
N PHE A 9 34.55 15.40 1.04
CA PHE A 9 33.28 16.16 0.97
C PHE A 9 32.99 16.65 -0.43
N ALA A 10 34.01 17.13 -1.16
CA ALA A 10 33.78 17.51 -2.55
C ALA A 10 33.37 16.32 -3.42
N ALA A 11 34.02 15.17 -3.24
CA ALA A 11 33.65 13.97 -3.93
C ALA A 11 32.20 13.57 -3.62
N LEU A 12 31.83 13.60 -2.35
CA LEU A 12 30.43 13.23 -2.01
C LEU A 12 29.46 14.19 -2.62
N ARG A 13 29.70 15.48 -2.63
CA ARG A 13 28.76 16.45 -3.23
C ARG A 13 28.66 16.12 -4.70
N ASN A 14 29.80 15.91 -5.35
CA ASN A 14 29.79 15.54 -6.78
C ASN A 14 29.02 14.24 -7.05
N ARG A 15 29.17 13.24 -6.20
CA ARG A 15 28.39 11.96 -6.31
C ARG A 15 26.90 12.24 -6.15
N TRP A 16 26.56 13.12 -5.24
CA TRP A 16 25.16 13.41 -5.04
C TRP A 16 24.59 14.16 -6.27
N VAL A 17 25.33 15.14 -6.80
CA VAL A 17 24.92 15.79 -8.04
C VAL A 17 24.84 14.81 -9.23
N ASP A 18 25.75 13.86 -9.32
CA ASP A 18 25.70 12.81 -10.37
C ASP A 18 24.41 12.05 -10.22
N GLN A 19 24.07 11.66 -9.00
CA GLN A 19 22.88 10.85 -8.78
C GLN A 19 21.65 11.61 -9.16
N ILE A 20 21.54 12.87 -8.72
CA ILE A 20 20.26 13.53 -8.83
C ILE A 20 20.06 14.14 -10.24
N THR A 21 21.15 14.40 -10.96
CA THR A 21 21.02 14.92 -12.34
C THR A 21 21.10 13.82 -13.42
N GLY A 22 21.82 12.74 -13.15
CA GLY A 22 22.14 11.76 -14.17
C GLY A 22 23.16 12.25 -15.18
N ARG A 23 23.92 13.29 -14.80
CA ARG A 23 24.78 13.99 -15.77
C ARG A 23 25.86 13.10 -16.35
N ASN A 24 26.21 12.06 -15.61
N ASN A 24 26.26 12.04 -15.65
CA ASN A 24 27.26 11.09 -15.96
CA ASN A 24 27.29 11.10 -16.14
C ASN A 24 26.76 9.95 -16.91
C ASN A 24 26.75 9.81 -16.74
N VAL A 25 25.45 9.80 -17.02
CA VAL A 25 24.78 8.60 -17.62
C VAL A 25 23.76 8.89 -18.74
N ILE A 26 23.64 10.14 -19.16
CA ILE A 26 22.81 10.51 -20.35
C ILE A 26 23.35 9.95 -21.67
N GLN A 27 22.50 9.25 -22.41
CA GLN A 27 22.93 8.56 -23.65
C GLN A 27 22.53 9.40 -24.86
N ALA A 28 23.51 9.70 -25.70
CA ALA A 28 23.27 10.55 -26.87
C ALA A 28 22.30 9.91 -27.81
N GLY A 29 21.26 10.66 -28.16
CA GLY A 29 20.30 10.19 -29.13
C GLY A 29 19.27 9.20 -28.58
N ASP A 30 19.32 8.87 -27.29
CA ASP A 30 18.34 7.88 -26.79
C ASP A 30 17.05 8.64 -26.64
N PRO A 31 15.95 8.10 -27.18
CA PRO A 31 14.72 8.86 -27.24
C PRO A 31 14.10 9.06 -25.85
N ASP A 32 14.32 8.11 -24.95
CA ASP A 32 13.81 8.30 -23.58
C ASP A 32 14.60 9.34 -22.83
N PHE A 33 15.92 9.36 -22.96
CA PHE A 33 16.65 10.44 -22.36
C PHE A 33 16.22 11.80 -22.93
N ALA A 34 15.96 11.84 -24.22
CA ALA A 34 15.51 13.08 -24.83
C ALA A 34 14.20 13.56 -24.24
N LYS A 35 13.28 12.63 -24.02
CA LYS A 35 12.00 13.03 -23.45
C LYS A 35 12.16 13.49 -21.98
N ALA A 36 13.11 12.88 -21.28
CA ALA A 36 13.40 13.25 -19.89
C ALA A 36 13.96 14.69 -19.83
N ILE A 37 14.87 15.01 -20.75
CA ILE A 37 15.40 16.38 -20.81
C ILE A 37 14.26 17.37 -21.15
N THR A 38 13.40 17.04 -22.08
CA THR A 38 12.19 17.87 -22.35
C THR A 38 11.29 18.14 -21.15
N ALA A 39 11.00 17.10 -20.40
CA ALA A 39 10.14 17.24 -19.22
C ALA A 39 10.83 18.15 -18.20
N LEU A 40 12.12 17.97 -18.03
CA LEU A 40 12.96 18.84 -17.15
C LEU A 40 12.89 20.30 -17.63
N ASN A 41 13.07 20.52 -18.93
CA ASN A 41 13.01 21.85 -19.53
C ASN A 41 11.64 22.48 -19.33
N ASN A 42 10.58 21.70 -19.53
CA ASN A 42 9.23 22.29 -19.46
C ASN A 42 8.88 22.75 -18.05
N LYS A 43 9.23 21.94 -17.07
CA LYS A 43 9.04 22.31 -15.69
C LYS A 43 9.86 23.56 -15.30
N ALA A 44 11.11 23.60 -15.70
CA ALA A 44 11.99 24.72 -15.33
C ALA A 44 11.41 25.99 -15.94
N ALA A 45 11.08 25.93 -17.21
CA ALA A 45 10.45 27.07 -17.87
C ALA A 45 9.15 27.48 -17.18
N ASP A 46 8.33 26.54 -16.74
CA ASP A 46 7.06 26.87 -16.07
C ASP A 46 7.34 27.66 -14.80
N SER A 47 8.33 27.19 -14.07
CA SER A 47 8.74 27.86 -12.82
C SER A 47 9.33 29.22 -13.03
N LEU A 48 10.25 29.35 -13.98
CA LEU A 48 10.81 30.68 -14.33
C LEU A 48 9.74 31.71 -14.74
N ALA A 49 8.75 31.26 -15.47
CA ALA A 49 7.71 32.16 -15.96
C ALA A 49 6.82 32.63 -14.81
N LYS A 50 6.83 31.87 -13.72
CA LYS A 50 5.99 32.15 -12.55
C LYS A 50 6.74 32.93 -11.45
N LEU A 51 8.00 33.27 -11.69
CA LEU A 51 8.76 34.04 -10.73
C LEU A 51 8.15 35.43 -10.50
N ASP A 52 8.05 35.79 -9.24
CA ASP A 52 7.67 37.18 -8.82
C ASP A 52 8.90 38.03 -9.07
N ALA A 53 8.86 38.97 -10.02
CA ALA A 53 10.07 39.77 -10.36
C ALA A 53 10.13 41.13 -9.62
N ALA A 54 9.14 41.36 -8.77
CA ALA A 54 8.93 42.67 -8.11
C ALA A 54 10.01 43.02 -7.11
N ALA A 55 10.25 44.32 -7.00
CA ALA A 55 11.01 44.87 -5.86
C ALA A 55 10.20 44.70 -4.56
N GLY A 56 10.93 44.37 -3.50
CA GLY A 56 10.34 43.96 -2.20
C GLY A 56 9.21 42.94 -2.26
N ARG A 57 9.29 42.00 -3.19
CA ARG A 57 8.34 40.88 -3.26
C ARG A 57 8.23 40.16 -1.93
N THR A 58 7.01 39.76 -1.58
CA THR A 58 6.73 39.00 -0.37
C THR A 58 6.48 37.48 -0.70
N SER A 59 6.70 37.12 -1.97
CA SER A 59 6.74 35.69 -2.41
C SER A 59 7.83 35.54 -3.43
N VAL A 60 8.25 34.27 -3.66
CA VAL A 60 9.22 33.98 -4.71
C VAL A 60 8.50 33.65 -6.03
N PHE A 61 7.38 32.96 -5.93
CA PHE A 61 6.54 32.64 -7.10
C PHE A 61 5.15 33.25 -6.91
N THR A 62 4.51 33.66 -7.99
CA THR A 62 3.30 34.51 -7.86
C THR A 62 2.13 33.67 -7.43
N ASP A 63 2.30 32.36 -7.60
CA ASP A 63 1.23 31.38 -7.35
C ASP A 63 1.46 30.57 -6.06
N LEU A 64 2.51 30.92 -5.35
CA LEU A 64 2.82 30.27 -4.06
C LEU A 64 3.01 31.22 -2.89
N SER A 65 2.15 31.10 -1.89
CA SER A 65 2.21 31.95 -0.69
C SER A 65 3.13 31.30 0.35
N LEU A 66 4.18 32.03 0.74
CA LEU A 66 5.04 31.60 1.87
C LEU A 66 4.34 31.43 3.22
N ALA A 67 3.18 32.05 3.36
CA ALA A 67 2.36 31.90 4.57
C ALA A 67 1.54 30.64 4.60
N LYS A 68 1.56 29.88 3.52
CA LYS A 68 0.93 28.54 3.49
C LYS A 68 2.05 27.51 3.49
N ASP A 69 2.11 26.71 4.53
CA ASP A 69 3.36 25.89 4.66
C ASP A 69 3.60 24.96 3.50
N ALA A 70 2.54 24.41 2.91
CA ALA A 70 2.72 23.53 1.73
C ALA A 70 3.32 24.27 0.55
N GLU A 71 2.88 25.50 0.36
CA GLU A 71 3.37 26.30 -0.76
C GLU A 71 4.74 26.84 -0.46
N MET A 72 5.08 26.96 0.81
CA MET A 72 6.48 27.19 1.13
C MET A 72 7.39 25.99 0.71
N VAL A 73 6.92 24.78 0.94
CA VAL A 73 7.66 23.61 0.45
C VAL A 73 7.80 23.71 -1.06
N THR A 74 6.69 23.94 -1.77
CA THR A 74 6.72 23.87 -3.23
C THR A 74 7.66 24.97 -3.73
N THR A 75 7.68 26.10 -3.00
CA THR A 75 8.62 27.15 -3.39
C THR A 75 10.06 26.60 -3.43
N TYR A 76 10.44 25.91 -2.35
CA TYR A 76 11.76 25.29 -2.30
C TYR A 76 12.00 24.07 -3.28
N THR A 77 11.01 23.22 -3.54
CA THR A 77 11.22 22.14 -4.53
C THR A 77 11.32 22.72 -5.94
N ARG A 78 10.60 23.83 -6.20
CA ARG A 78 10.73 24.46 -7.52
C ARG A 78 12.17 24.96 -7.67
N LEU A 79 12.69 25.55 -6.59
CA LEU A 79 14.04 26.04 -6.63
C LEU A 79 15.09 24.97 -6.79
N SER A 80 14.89 23.84 -6.11
CA SER A 80 15.82 22.72 -6.30
C SER A 80 15.72 22.08 -7.72
N GLN A 81 14.52 22.00 -8.27
CA GLN A 81 14.28 21.54 -9.67
C GLN A 81 15.05 22.46 -10.63
N LEU A 82 14.92 23.77 -10.40
CA LEU A 82 15.61 24.74 -11.28
C LEU A 82 17.09 24.54 -11.15
N ALA A 83 17.57 24.35 -9.93
CA ALA A 83 18.99 24.08 -9.77
C ALA A 83 19.45 22.75 -10.40
N THR A 84 18.61 21.74 -10.35
CA THR A 84 18.87 20.45 -11.04
C THR A 84 19.03 20.67 -12.53
N ALA A 85 18.10 21.38 -13.11
CA ALA A 85 18.09 21.66 -14.58
C ALA A 85 19.35 22.43 -14.92
N TRP A 86 19.65 23.45 -14.11
CA TRP A 86 20.84 24.29 -14.29
C TRP A 86 22.10 23.47 -14.27
N ALA A 87 22.09 22.34 -13.58
CA ALA A 87 23.24 21.43 -13.53
C ALA A 87 23.23 20.18 -14.49
N THR A 88 22.20 20.10 -15.32
CA THR A 88 22.03 18.92 -16.21
C THR A 88 22.54 19.27 -17.61
N PRO A 89 23.64 18.64 -18.03
CA PRO A 89 24.07 18.85 -19.43
C PRO A 89 22.96 18.59 -20.43
N THR A 90 22.94 19.44 -21.44
CA THR A 90 21.98 19.46 -22.55
C THR A 90 20.63 20.09 -22.19
N ALA A 91 20.35 20.36 -20.89
CA ALA A 91 19.12 21.01 -20.53
C ALA A 91 19.14 22.45 -21.10
N ALA A 92 17.97 23.02 -21.33
CA ALA A 92 17.86 24.37 -21.93
C ALA A 92 18.53 25.42 -21.02
N VAL A 93 18.41 25.27 -19.70
CA VAL A 93 18.95 26.31 -18.76
C VAL A 93 20.30 25.92 -18.17
N PHE A 94 20.91 24.88 -18.72
CA PHE A 94 22.22 24.37 -18.27
C PHE A 94 23.23 25.50 -18.20
N GLY A 95 23.84 25.69 -17.04
CA GLY A 95 24.83 26.74 -16.84
C GLY A 95 24.38 28.15 -17.11
N ASP A 96 23.07 28.40 -17.19
CA ASP A 96 22.57 29.74 -17.51
C ASP A 96 22.67 30.74 -16.35
N ALA A 97 23.40 31.83 -16.57
CA ALA A 97 23.69 32.83 -15.52
C ALA A 97 22.44 33.53 -14.96
N ALA A 98 21.54 33.95 -15.81
CA ALA A 98 20.27 34.57 -15.35
C ALA A 98 19.45 33.60 -14.48
N VAL A 99 19.41 32.33 -14.89
CA VAL A 99 18.70 31.33 -14.09
C VAL A 99 19.37 31.12 -12.73
N LEU A 100 20.68 30.93 -12.70
CA LEU A 100 21.39 30.90 -11.44
C LEU A 100 21.03 32.08 -10.54
N ALA A 101 20.96 33.30 -11.09
CA ALA A 101 20.71 34.47 -10.27
C ALA A 101 19.32 34.39 -9.70
N ALA A 102 18.42 33.88 -10.52
CA ALA A 102 17.04 33.78 -10.07
C ALA A 102 16.92 32.74 -8.96
N ILE A 103 17.66 31.64 -9.08
CA ILE A 103 17.58 30.60 -8.02
C ILE A 103 18.12 31.20 -6.70
N LYS A 104 19.26 31.88 -6.80
CA LYS A 104 19.89 32.40 -5.57
C LYS A 104 19.01 33.44 -4.89
N ALA A 105 18.38 34.31 -5.69
CA ALA A 105 17.50 35.36 -5.15
C ALA A 105 16.30 34.70 -4.51
N GLY A 106 15.82 33.61 -5.11
CA GLY A 106 14.70 32.87 -4.57
C GLY A 106 15.02 32.27 -3.18
N LEU A 107 16.21 31.70 -3.06
CA LEU A 107 16.64 31.01 -1.82
C LEU A 107 16.83 32.08 -0.77
N ALA A 108 17.36 33.22 -1.19
CA ALA A 108 17.69 34.36 -0.27
C ALA A 108 16.44 34.98 0.25
N ASP A 109 15.53 35.27 -0.62
CA ASP A 109 14.24 35.87 -0.23
C ASP A 109 13.37 34.90 0.58
N ALA A 110 13.31 33.63 0.20
CA ALA A 110 12.55 32.67 1.02
C ALA A 110 13.10 32.56 2.46
N ASN A 111 14.40 32.52 2.58
CA ASN A 111 15.06 32.59 3.88
C ASN A 111 14.68 33.86 4.68
N THR A 112 14.89 35.03 4.08
CA THR A 112 14.61 36.31 4.74
C THR A 112 13.17 36.44 5.15
N LEU A 113 12.28 36.11 4.23
CA LEU A 113 10.85 36.32 4.45
C LEU A 113 10.23 35.30 5.39
N CYS A 114 10.77 34.07 5.40
CA CYS A 114 10.01 32.92 5.98
C CYS A 114 10.86 31.87 6.71
N TYR A 115 11.79 31.26 5.97
CA TYR A 115 12.48 30.04 6.45
C TYR A 115 13.85 30.34 6.98
N ASN A 116 13.91 30.79 8.22
CA ASN A 116 15.17 31.14 8.84
C ASN A 116 15.26 30.69 10.29
N ASP A 117 16.45 30.88 10.88
CA ASP A 117 16.71 30.44 12.25
C ASP A 117 16.09 31.28 13.38
N ARG A 118 15.39 32.33 13.01
CA ARG A 118 14.62 33.15 13.98
C ARG A 118 13.10 32.94 13.92
N LYS A 119 12.66 32.03 13.05
CA LYS A 119 11.25 31.76 12.78
C LYS A 119 10.84 30.55 13.56
N GLU A 120 9.69 30.59 14.19
CA GLU A 120 9.14 29.37 14.77
C GLU A 120 8.15 28.70 13.79
N GLU A 121 8.06 27.38 13.84
CA GLU A 121 7.16 26.72 12.89
C GLU A 121 5.72 27.14 13.09
N VAL A 122 5.03 27.29 11.96
CA VAL A 122 3.60 27.53 11.90
C VAL A 122 3.06 26.49 10.91
N GLY A 123 2.04 25.75 11.32
CA GLY A 123 1.41 24.74 10.48
C GLY A 123 2.17 23.43 10.53
N ASN A 124 2.07 22.66 9.45
CA ASN A 124 2.51 21.25 9.39
C ASN A 124 4.01 21.07 9.65
N TRP A 125 4.37 20.44 10.74
CA TRP A 125 5.82 20.21 11.05
C TRP A 125 6.59 19.62 9.88
N TRP A 126 5.93 18.75 9.12
CA TRP A 126 6.64 18.04 8.05
C TRP A 126 7.18 19.05 7.05
N SER A 127 6.47 20.13 6.77
CA SER A 127 6.98 21.09 5.82
C SER A 127 8.28 21.70 6.27
N TRP A 128 8.34 22.00 7.55
CA TRP A 128 9.51 22.69 8.10
C TRP A 128 10.72 21.76 8.26
N GLU A 129 10.47 20.48 8.55
CA GLU A 129 11.53 19.56 8.99
C GLU A 129 11.98 18.58 7.89
N ILE A 130 11.08 18.31 6.96
CA ILE A 130 11.33 17.38 5.85
C ILE A 130 11.17 18.06 4.52
N GLY A 131 10.04 18.74 4.26
CA GLY A 131 9.84 19.28 2.92
C GLY A 131 10.92 20.27 2.56
N VAL A 132 11.13 21.29 3.39
CA VAL A 132 12.11 22.30 3.02
C VAL A 132 13.54 21.74 3.16
N PRO A 133 13.92 21.13 4.26
CA PRO A 133 15.34 20.76 4.34
C PRO A 133 15.85 19.83 3.24
N ARG A 134 15.08 18.87 2.77
CA ARG A 134 15.62 18.03 1.69
C ARG A 134 15.89 18.87 0.41
N ALA A 135 14.94 19.76 0.09
CA ALA A 135 15.04 20.60 -1.12
C ALA A 135 16.17 21.61 -1.01
N LEU A 136 16.16 22.32 0.12
CA LEU A 136 17.14 23.38 0.38
C LEU A 136 18.50 22.73 0.38
N ALA A 137 18.64 21.62 1.09
CA ALA A 137 19.94 20.95 1.05
C ALA A 137 20.44 20.50 -0.37
N ASP A 138 19.54 19.92 -1.15
CA ASP A 138 19.86 19.60 -2.54
C ASP A 138 20.37 20.88 -3.26
N ALA A 139 19.60 21.98 -3.16
CA ALA A 139 19.90 23.26 -3.82
C ALA A 139 21.30 23.69 -3.37
N MET A 140 21.57 23.60 -2.07
CA MET A 140 22.89 24.00 -1.53
C MET A 140 24.03 23.19 -2.14
N VAL A 141 23.80 21.90 -2.36
CA VAL A 141 24.79 21.03 -2.88
C VAL A 141 24.95 21.25 -4.45
N LEU A 142 23.82 21.43 -5.16
CA LEU A 142 23.84 21.70 -6.62
C LEU A 142 24.63 23.03 -6.88
N LEU A 143 24.36 24.06 -6.04
CA LEU A 143 24.87 25.42 -6.21
C LEU A 143 26.09 25.69 -5.40
N HIS A 144 26.82 24.66 -4.94
CA HIS A 144 27.87 24.84 -3.94
C HIS A 144 28.91 25.84 -4.39
N ALA A 145 29.37 25.69 -5.63
CA ALA A 145 30.38 26.60 -6.17
C ALA A 145 29.99 28.04 -6.33
N GLU A 146 28.72 28.33 -6.27
CA GLU A 146 28.18 29.63 -6.55
C GLU A 146 27.67 30.33 -5.31
N LEU A 147 27.31 29.57 -4.27
CA LEU A 147 26.75 30.18 -3.05
C LEU A 147 27.88 30.74 -2.19
N SER A 148 27.59 31.85 -1.52
CA SER A 148 28.54 32.45 -0.60
C SER A 148 28.62 31.71 0.75
N ALA A 149 29.71 31.95 1.49
CA ALA A 149 29.85 31.57 2.90
C ALA A 149 28.64 32.07 3.71
N ALA A 150 28.23 33.31 3.53
CA ALA A 150 27.08 33.86 4.28
C ALA A 150 25.81 33.08 3.97
N GLU A 151 25.57 32.80 2.70
CA GLU A 151 24.37 32.07 2.30
C GLU A 151 24.35 30.65 2.90
N ARG A 152 25.46 29.94 2.82
CA ARG A 152 25.51 28.57 3.30
C ARG A 152 25.30 28.62 4.79
N THR A 153 25.92 29.57 5.48
CA THR A 153 25.69 29.70 6.93
C THR A 153 24.27 29.93 7.28
N ALA A 154 23.60 30.82 6.60
CA ALA A 154 22.19 31.11 6.90
C ALA A 154 21.34 29.86 6.66
N TYR A 155 21.59 29.16 5.56
CA TYR A 155 20.73 28.02 5.14
C TYR A 155 20.98 26.81 6.02
N CYS A 156 22.22 26.48 6.34
CA CYS A 156 22.46 25.53 7.44
C CYS A 156 21.91 25.93 8.75
N ALA A 157 22.01 27.21 9.12
CA ALA A 157 21.43 27.64 10.41
C ALA A 157 19.91 27.42 10.45
N ALA A 158 19.23 27.63 9.33
CA ALA A 158 17.79 27.46 9.25
C ALA A 158 17.50 25.95 9.40
N ILE A 159 18.20 25.11 8.65
CA ILE A 159 17.91 23.66 8.75
C ILE A 159 18.22 23.13 10.15
N ASP A 160 19.29 23.61 10.76
CA ASP A 160 19.67 23.11 12.07
C ASP A 160 18.73 23.61 13.16
N HIS A 161 18.13 24.74 12.90
CA HIS A 161 17.15 25.35 13.83
C HIS A 161 15.92 24.44 13.85
N PHE A 162 15.44 24.06 12.67
CA PHE A 162 14.22 23.21 12.58
C PHE A 162 14.46 21.72 12.81
N VAL A 163 15.67 21.26 12.54
CA VAL A 163 16.06 19.84 12.69
C VAL A 163 17.40 19.74 13.43
N PRO A 164 17.44 20.05 14.73
CA PRO A 164 18.72 19.94 15.43
C PRO A 164 19.19 18.50 15.55
N ASP A 165 18.25 17.54 15.49
CA ASP A 165 18.59 16.12 15.66
C ASP A 165 17.59 15.32 14.83
N PRO A 166 18.01 14.69 13.73
CA PRO A 166 17.06 14.00 12.85
C PRO A 166 16.53 12.71 13.45
N TRP A 167 17.00 12.31 14.62
CA TRP A 167 16.40 11.20 15.37
C TRP A 167 15.06 11.56 16.05
N LEU A 168 14.78 12.84 16.08
CA LEU A 168 13.60 13.41 16.69
C LEU A 168 12.83 14.22 15.67
N GLN A 169 11.59 14.59 16.01
CA GLN A 169 10.76 15.47 15.22
C GLN A 169 9.83 16.28 16.11
N PHE A 170 9.33 17.32 15.48
CA PHE A 170 8.35 18.31 16.01
C PHE A 170 9.07 19.54 16.58
N PRO A 171 8.41 20.69 16.52
CA PRO A 171 8.97 21.93 17.08
C PRO A 171 8.96 21.85 18.61
N PRO A 172 9.86 22.60 19.25
CA PRO A 172 10.03 22.44 20.71
C PRO A 172 8.73 22.73 21.51
N LYS A 173 7.96 23.66 20.97
CA LYS A 173 6.67 24.00 21.60
C LYS A 173 5.77 22.77 21.85
N ARG A 174 5.99 21.61 21.20
CA ARG A 174 5.02 20.42 21.07
C ARG A 174 5.34 19.17 21.96
N GLY A 175 6.57 19.11 22.50
CA GLY A 175 7.26 17.89 22.98
C GLY A 175 7.77 17.11 21.79
N LYS A 176 9.07 16.88 21.72
CA LYS A 176 9.66 16.17 20.54
C LYS A 176 9.63 14.68 20.72
N ILE A 177 9.36 13.94 19.65
CA ILE A 177 9.27 12.49 19.74
C ILE A 177 10.27 11.86 18.79
N THR A 178 10.54 10.60 19.03
CA THR A 178 11.45 9.84 18.18
C THR A 178 10.84 9.77 16.78
N SER A 179 11.63 10.12 15.76
CA SER A 179 11.20 9.94 14.38
C SER A 179 11.37 8.47 13.97
N VAL A 180 10.41 7.96 13.19
CA VAL A 180 10.42 6.54 12.83
C VAL A 180 10.19 6.35 11.34
N GLY A 181 10.59 5.20 10.83
CA GLY A 181 10.21 4.83 9.50
C GLY A 181 10.56 5.85 8.46
N ALA A 182 9.62 6.13 7.58
CA ALA A 182 9.81 7.07 6.52
C ALA A 182 10.28 8.42 7.01
N ASN A 183 9.71 8.90 8.12
CA ASN A 183 10.10 10.20 8.62
C ASN A 183 11.53 10.22 9.10
N ARG A 184 11.96 9.16 9.77
CA ARG A 184 13.37 9.02 10.16
C ARG A 184 14.29 9.10 8.93
N VAL A 185 13.97 8.34 7.90
CA VAL A 185 14.80 8.34 6.69
C VAL A 185 14.84 9.75 6.11
N ASP A 186 13.69 10.38 5.95
CA ASP A 186 13.66 11.71 5.34
C ASP A 186 14.42 12.78 6.15
N LEU A 187 14.27 12.75 7.47
CA LEU A 187 14.99 13.69 8.34
C LEU A 187 16.48 13.44 8.18
N CYS A 188 16.89 12.16 8.25
CA CYS A 188 18.28 11.85 8.09
C CYS A 188 18.83 12.28 6.73
N GLN A 189 18.04 12.05 5.67
CA GLN A 189 18.50 12.47 4.34
C GLN A 189 18.80 13.98 4.33
N GLY A 190 17.87 14.77 4.85
CA GLY A 190 18.03 16.24 4.83
C GLY A 190 19.33 16.63 5.55
N ILE A 191 19.60 15.98 6.69
CA ILE A 191 20.79 16.33 7.45
C ILE A 191 22.05 15.80 6.78
N ILE A 192 22.01 14.60 6.18
CA ILE A 192 23.15 14.08 5.47
C ILE A 192 23.56 15.02 4.33
N ILE A 193 22.59 15.43 3.52
CA ILE A 193 22.93 16.33 2.39
C ILE A 193 23.36 17.71 2.92
N ARG A 194 22.70 18.24 3.93
CA ARG A 194 23.14 19.48 4.56
C ARG A 194 24.55 19.34 5.12
N SER A 195 24.92 18.17 5.62
CA SER A 195 26.23 17.92 6.19
C SER A 195 27.32 17.89 5.09
N LEU A 196 26.93 17.55 3.87
CA LEU A 196 27.85 17.61 2.72
C LEU A 196 28.08 19.06 2.35
N ALA A 197 27.06 19.90 2.36
CA ALA A 197 27.19 21.31 2.01
C ALA A 197 28.05 22.03 3.07
N GLY A 198 27.89 21.66 4.32
CA GLY A 198 28.55 22.40 5.40
C GLY A 198 29.81 21.65 5.88
N GLU A 199 30.17 20.50 5.31
CA GLU A 199 31.29 19.64 5.65
C GLU A 199 31.38 19.33 7.17
N ASP A 200 30.29 18.72 7.64
CA ASP A 200 30.11 18.39 9.07
C ASP A 200 30.09 16.87 9.30
N PRO A 201 31.21 16.22 9.58
CA PRO A 201 31.27 14.77 9.74
C PRO A 201 30.48 14.28 10.98
N THR A 202 30.45 15.09 12.02
CA THR A 202 29.74 14.72 13.27
C THR A 202 28.24 14.56 12.97
N LYS A 203 27.67 15.58 12.36
CA LYS A 203 26.21 15.55 11.98
C LYS A 203 25.94 14.43 10.98
N LEU A 204 26.85 14.27 10.03
CA LEU A 204 26.70 13.23 9.01
C LEU A 204 26.66 11.86 9.66
N ASN A 205 27.63 11.58 10.52
CA ASN A 205 27.72 10.27 11.14
C ASN A 205 26.49 9.94 12.00
N HIS A 206 26.02 10.93 12.76
CA HIS A 206 24.83 10.76 13.58
C HIS A 206 23.60 10.44 12.71
N ALA A 207 23.44 11.18 11.62
CA ALA A 207 22.34 10.98 10.73
C ALA A 207 22.40 9.61 10.07
N VAL A 208 23.58 9.14 9.63
CA VAL A 208 23.68 7.80 9.08
C VAL A 208 23.29 6.77 10.13
N ALA A 209 23.77 6.96 11.35
CA ALA A 209 23.48 5.99 12.39
C ALA A 209 21.95 5.92 12.66
N GLY A 210 21.28 7.04 12.50
CA GLY A 210 19.84 7.09 12.62
C GLY A 210 19.06 6.20 11.67
N LEU A 211 19.64 5.87 10.54
CA LEU A 211 18.93 5.04 9.58
C LEU A 211 18.66 3.63 10.15
N SER A 212 19.57 3.13 10.97
CA SER A 212 19.50 1.74 11.41
C SER A 212 18.19 1.34 12.08
N GLN A 213 17.60 2.28 12.80
CA GLN A 213 16.41 1.92 13.53
C GLN A 213 15.31 1.48 12.59
N VAL A 214 15.27 2.00 11.38
CA VAL A 214 14.11 1.83 10.53
C VAL A 214 13.95 0.41 10.05
N TRP A 215 15.01 -0.40 10.07
CA TRP A 215 14.92 -1.77 9.63
C TRP A 215 15.08 -2.77 10.77
N GLN A 216 14.96 -2.32 12.01
CA GLN A 216 14.95 -3.27 13.11
C GLN A 216 13.55 -3.85 13.27
N TYR A 217 13.40 -5.15 13.41
CA TYR A 217 12.07 -5.73 13.56
C TYR A 217 11.38 -5.24 14.82
N VAL A 218 10.08 -5.00 14.69
CA VAL A 218 9.19 -4.64 15.78
C VAL A 218 8.16 -5.71 15.95
N THR A 219 7.51 -5.70 17.11
CA THR A 219 6.37 -6.60 17.38
C THR A 219 5.06 -5.91 17.60
N SER A 220 5.09 -4.61 17.62
CA SER A 220 3.86 -3.83 17.71
C SER A 220 4.10 -2.48 17.18
N GLY A 221 3.08 -1.84 16.65
CA GLY A 221 3.18 -0.45 16.22
C GLY A 221 4.04 -0.23 14.98
N ASP A 222 4.70 0.94 14.92
CA ASP A 222 5.42 1.40 13.70
C ASP A 222 6.61 0.54 13.41
N GLY A 223 6.76 0.14 12.15
CA GLY A 223 7.98 -0.51 11.69
C GLY A 223 7.73 -1.76 10.88
N ILE A 224 8.82 -2.50 10.65
CA ILE A 224 8.77 -3.74 9.92
C ILE A 224 8.65 -4.90 10.88
N PHE A 225 7.73 -5.79 10.55
CA PHE A 225 7.48 -6.99 11.32
C PHE A 225 8.14 -8.20 10.70
N ARG A 226 8.36 -9.24 11.47
CA ARG A 226 8.97 -10.44 10.91
C ARG A 226 8.16 -11.09 9.80
N ASP A 227 6.84 -10.92 9.80
CA ASP A 227 6.02 -11.46 8.73
C ASP A 227 6.08 -10.61 7.42
N GLY A 228 6.83 -9.52 7.44
CA GLY A 228 6.94 -8.64 6.30
C GLY A 228 6.01 -7.44 6.32
N SER A 229 5.08 -7.40 7.28
CA SER A 229 4.19 -6.21 7.41
C SER A 229 5.00 -4.96 7.67
N PHE A 230 4.48 -3.80 7.25
CA PHE A 230 5.05 -2.49 7.55
C PHE A 230 3.93 -1.58 7.95
N ILE A 231 4.03 -1.08 9.16
CA ILE A 231 3.01 -0.21 9.76
C ILE A 231 3.65 1.16 9.95
N GLN A 232 2.86 2.19 9.65
CA GLN A 232 3.20 3.56 10.05
C GLN A 232 1.94 4.23 10.58
N HIS A 233 2.10 5.39 11.19
CA HIS A 233 0.97 6.04 11.92
C HIS A 233 0.36 5.10 12.96
N SER A 234 1.17 4.29 13.59
CA SER A 234 0.86 3.30 14.63
C SER A 234 -0.04 2.15 14.28
N THR A 235 -1.05 2.40 13.45
CA THR A 235 -2.09 1.44 13.18
C THR A 235 -2.52 1.32 11.74
N THR A 236 -1.71 1.82 10.78
CA THR A 236 -2.10 1.74 9.39
C THR A 236 -1.08 0.90 8.55
N PRO A 237 -1.59 -0.06 7.76
CA PRO A 237 -0.71 -0.78 6.83
C PRO A 237 -0.13 0.16 5.82
N TYR A 238 1.20 0.23 5.65
CA TYR A 238 1.72 1.38 4.93
C TYR A 238 2.90 1.10 4.00
N THR A 239 3.09 -0.18 3.70
CA THR A 239 4.20 -0.56 2.81
C THR A 239 4.23 0.18 1.52
N GLY A 240 3.06 0.44 0.93
CA GLY A 240 2.95 1.02 -0.39
C GLY A 240 3.20 2.48 -0.54
N SER A 241 3.22 3.27 0.53
CA SER A 241 3.47 4.71 0.40
C SER A 241 4.64 5.08 1.33
N TYR A 242 4.42 5.11 2.64
CA TYR A 242 5.56 5.36 3.55
C TYR A 242 6.65 4.33 3.39
N GLY A 243 6.29 3.06 3.19
CA GLY A 243 7.35 2.07 2.97
C GLY A 243 8.21 2.38 1.75
N VAL A 244 7.58 2.86 0.69
CA VAL A 244 8.28 3.30 -0.50
C VAL A 244 9.17 4.53 -0.25
N VAL A 245 8.70 5.48 0.57
CA VAL A 245 9.54 6.59 0.95
C VAL A 245 10.82 6.10 1.62
N LEU A 246 10.68 5.17 2.52
CA LEU A 246 11.77 4.55 3.24
C LEU A 246 12.73 3.88 2.24
N LEU A 247 12.16 3.07 1.34
CA LEU A 247 12.89 2.34 0.35
C LEU A 247 13.70 3.28 -0.58
N THR A 248 13.03 4.33 -1.07
CA THR A 248 13.66 5.32 -1.92
C THR A 248 14.82 6.00 -1.20
N GLY A 249 14.58 6.48 0.03
CA GLY A 249 15.62 7.26 0.69
C GLY A 249 16.83 6.36 0.97
N LEU A 250 16.58 5.17 1.47
CA LEU A 250 17.70 4.26 1.74
C LEU A 250 18.46 3.94 0.46
N SER A 251 17.74 3.70 -0.64
CA SER A 251 18.46 3.36 -1.91
C SER A 251 19.42 4.49 -2.27
N LYS A 252 18.96 5.72 -2.15
CA LYS A 252 19.75 6.90 -2.54
C LYS A 252 20.92 7.13 -1.60
N LEU A 253 20.69 7.01 -0.31
CA LEU A 253 21.72 7.21 0.69
C LEU A 253 22.76 6.11 0.71
N PHE A 254 22.31 4.86 0.61
CA PHE A 254 23.27 3.74 0.52
C PHE A 254 24.18 3.91 -0.71
N SER A 255 23.59 4.29 -1.83
CA SER A 255 24.35 4.48 -3.07
C SER A 255 25.31 5.64 -2.89
N LEU A 256 24.85 6.75 -2.35
CA LEU A 256 25.70 7.94 -2.17
C LEU A 256 26.92 7.62 -1.32
N LEU A 257 26.72 6.91 -0.22
CA LEU A 257 27.78 6.76 0.79
C LEU A 257 28.65 5.54 0.54
N GLY A 258 28.23 4.68 -0.34
CA GLY A 258 28.91 3.43 -0.59
C GLY A 258 30.39 3.62 -1.00
N GLY A 259 31.27 2.88 -0.36
CA GLY A 259 32.73 2.94 -0.64
C GLY A 259 33.35 4.27 -0.29
N THR A 260 32.72 4.99 0.62
CA THR A 260 33.29 6.19 1.23
C THR A 260 33.56 5.95 2.70
N ALA A 261 34.08 6.98 3.35
CA ALA A 261 34.38 6.92 4.77
C ALA A 261 33.10 6.89 5.60
N PHE A 262 31.97 7.13 4.93
CA PHE A 262 30.68 7.24 5.63
C PHE A 262 29.74 6.09 5.25
N GLU A 263 30.23 5.10 4.55
CA GLU A 263 29.40 3.99 4.08
C GLU A 263 28.60 3.29 5.17
N VAL A 264 27.36 3.00 4.84
CA VAL A 264 26.51 2.19 5.69
C VAL A 264 27.05 0.76 5.82
N SER A 265 27.53 0.43 7.01
CA SER A 265 28.14 -0.88 7.23
C SER A 265 27.44 -1.70 8.33
N ASP A 266 26.35 -1.18 8.88
CA ASP A 266 25.56 -1.89 9.87
C ASP A 266 25.15 -3.21 9.29
N PRO A 267 25.61 -4.32 9.84
CA PRO A 267 25.36 -5.59 9.17
C PRO A 267 23.87 -5.94 9.21
N THR A 268 23.13 -5.38 10.16
CA THR A 268 21.69 -5.67 10.22
C THR A 268 20.86 -5.08 9.09
N ARG A 269 21.48 -4.30 8.23
CA ARG A 269 20.76 -3.81 7.05
C ARG A 269 20.28 -4.95 6.16
N SER A 270 20.80 -6.17 6.34
CA SER A 270 20.27 -7.32 5.66
C SER A 270 18.75 -7.47 5.86
N ILE A 271 18.21 -6.99 6.98
CA ILE A 271 16.78 -7.04 7.23
C ILE A 271 16.04 -6.18 6.20
N PHE A 272 16.62 -5.00 5.92
CA PHE A 272 16.05 -4.13 4.91
C PHE A 272 16.14 -4.81 3.54
N PHE A 273 17.27 -5.41 3.18
CA PHE A 273 17.35 -6.08 1.89
C PHE A 273 16.36 -7.21 1.82
N ASP A 274 16.17 -7.96 2.91
CA ASP A 274 15.17 -9.02 2.93
C ASP A 274 13.75 -8.52 2.68
N ALA A 275 13.50 -7.26 3.01
CA ALA A 275 12.17 -6.68 2.79
C ALA A 275 11.84 -6.45 1.35
N VAL A 276 12.83 -6.46 0.44
CA VAL A 276 12.46 -6.30 -0.97
C VAL A 276 11.51 -7.41 -1.40
N GLU A 277 11.87 -8.66 -1.15
CA GLU A 277 11.00 -9.82 -1.43
C GLU A 277 10.00 -10.07 -0.29
N GLY A 278 10.36 -9.77 0.95
CA GLY A 278 9.48 -10.14 2.05
C GLY A 278 8.30 -9.17 2.30
N SER A 279 8.49 -7.91 1.94
CA SER A 279 7.54 -6.83 2.21
C SER A 279 7.03 -6.21 0.93
N PHE A 280 7.91 -5.72 0.06
CA PHE A 280 7.49 -4.93 -1.07
C PHE A 280 6.95 -5.77 -2.21
N ALA A 281 7.71 -6.81 -2.67
CA ALA A 281 7.29 -7.51 -3.86
C ALA A 281 5.83 -8.05 -3.77
N PRO A 282 5.37 -8.62 -2.64
CA PRO A 282 4.05 -9.24 -2.67
C PRO A 282 2.90 -8.23 -2.88
N VAL A 283 3.12 -6.94 -2.59
CA VAL A 283 2.06 -5.92 -2.71
C VAL A 283 2.22 -5.06 -3.93
N MET A 284 3.19 -5.40 -4.81
CA MET A 284 3.32 -4.89 -6.15
C MET A 284 2.49 -5.70 -7.12
N ILE A 285 1.67 -5.04 -7.91
CA ILE A 285 0.75 -5.69 -8.80
C ILE A 285 0.91 -5.09 -10.15
N ASN A 286 1.62 -5.75 -11.07
CA ASN A 286 1.79 -5.19 -12.42
C ASN A 286 2.26 -3.75 -12.41
N GLY A 287 3.17 -3.41 -11.50
CA GLY A 287 3.71 -2.06 -11.46
C GLY A 287 3.11 -1.09 -10.47
N ALA A 288 2.00 -1.46 -9.81
CA ALA A 288 1.30 -0.60 -8.87
C ALA A 288 1.41 -1.19 -7.47
N MET A 289 1.62 -0.32 -6.48
CA MET A 289 1.48 -0.72 -5.08
C MET A 289 -0.03 -0.85 -4.78
N ALA A 290 -0.40 -1.94 -4.13
CA ALA A 290 -1.80 -2.16 -3.74
C ALA A 290 -2.37 -1.01 -2.89
N ASP A 291 -3.56 -0.60 -3.25
CA ASP A 291 -4.21 0.50 -2.53
C ASP A 291 -4.40 0.19 -1.05
N ALA A 292 -4.62 -1.07 -0.71
CA ALA A 292 -4.81 -1.45 0.65
C ALA A 292 -3.62 -1.14 1.56
N VAL A 293 -2.41 -1.00 0.99
CA VAL A 293 -1.25 -0.68 1.82
C VAL A 293 -0.69 0.68 1.60
N ARG A 294 -1.51 1.62 1.10
CA ARG A 294 -1.00 2.96 0.85
C ARG A 294 -1.84 4.05 1.57
N GLY A 295 -2.63 3.61 2.54
CA GLY A 295 -3.28 4.57 3.47
C GLY A 295 -3.94 5.73 2.79
N ARG A 296 -3.61 6.93 3.24
CA ARG A 296 -4.30 8.14 2.82
C ARG A 296 -3.96 8.52 1.39
N SER A 297 -2.90 7.93 0.80
CA SER A 297 -2.49 8.37 -0.53
C SER A 297 -3.42 7.95 -1.62
N ILE A 298 -4.41 7.07 -1.32
CA ILE A 298 -5.41 6.72 -2.35
C ILE A 298 -6.15 8.00 -2.82
N SER A 299 -6.27 9.01 -1.93
CA SER A 299 -7.00 10.23 -2.23
C SER A 299 -6.25 11.20 -3.12
N ARG A 300 -5.03 10.82 -3.58
CA ARG A 300 -4.16 11.69 -4.36
C ARG A 300 -4.18 11.44 -5.84
N GLU A 301 -4.63 12.41 -6.64
CA GLU A 301 -4.72 12.22 -8.07
C GLU A 301 -3.35 11.96 -8.70
N ALA A 302 -2.31 12.56 -8.13
CA ALA A 302 -0.97 12.52 -8.71
C ALA A 302 0.03 11.87 -7.78
N ASN A 303 -0.43 10.98 -6.90
CA ASN A 303 0.46 10.08 -6.10
C ASN A 303 -0.26 8.74 -6.03
N THR A 304 -0.23 8.04 -7.16
CA THR A 304 -1.07 6.89 -7.36
C THR A 304 -0.31 5.60 -7.02
N GLY A 305 -1.01 4.47 -7.12
CA GLY A 305 -0.35 3.20 -6.93
C GLY A 305 0.79 2.98 -7.97
N TYR A 306 0.60 3.47 -9.19
CA TYR A 306 1.63 3.35 -10.23
C TYR A 306 2.77 4.31 -9.97
N ASP A 307 2.52 5.51 -9.52
CA ASP A 307 3.57 6.44 -9.16
C ASP A 307 4.46 5.79 -8.08
N LEU A 308 3.84 5.22 -7.05
CA LEU A 308 4.53 4.64 -5.96
C LEU A 308 5.26 3.35 -6.40
N GLY A 309 4.62 2.53 -7.20
CA GLY A 309 5.31 1.33 -7.75
C GLY A 309 6.51 1.70 -8.60
N ALA A 310 6.44 2.76 -9.38
CA ALA A 310 7.56 3.18 -10.22
C ALA A 310 8.70 3.67 -9.33
N SER A 311 8.41 4.37 -8.24
CA SER A 311 9.42 4.77 -7.28
C SER A 311 10.06 3.53 -6.64
N ALA A 312 9.27 2.53 -6.28
CA ALA A 312 9.81 1.31 -5.72
C ALA A 312 10.73 0.61 -6.74
N ILE A 313 10.34 0.57 -7.97
CA ILE A 313 11.19 -0.09 -8.99
C ILE A 313 12.51 0.66 -9.12
N GLU A 314 12.50 1.97 -9.22
CA GLU A 314 13.72 2.75 -9.30
C GLU A 314 14.66 2.41 -8.12
N ALA A 315 14.10 2.37 -6.91
CA ALA A 315 14.86 2.13 -5.73
C ALA A 315 15.45 0.73 -5.74
N ILE A 316 14.67 -0.28 -6.09
CA ILE A 316 15.12 -1.67 -6.08
C ILE A 316 16.23 -1.82 -7.13
N LEU A 317 16.09 -1.19 -8.29
CA LEU A 317 17.16 -1.28 -9.29
C LEU A 317 18.41 -0.64 -8.75
N LEU A 318 18.33 0.49 -8.09
CA LEU A 318 19.50 1.13 -7.53
C LEU A 318 20.15 0.27 -6.49
N LEU A 319 19.39 -0.30 -5.57
CA LEU A 319 19.92 -1.18 -4.54
C LEU A 319 20.51 -2.45 -5.14
N ALA A 320 19.95 -2.93 -6.21
CA ALA A 320 20.44 -4.19 -6.83
C ALA A 320 21.93 -4.12 -7.20
N ARG A 321 22.39 -2.92 -7.56
CA ARG A 321 23.82 -2.78 -7.91
C ARG A 321 24.78 -3.27 -6.87
N ALA A 322 24.43 -3.23 -5.62
CA ALA A 322 25.32 -3.56 -4.52
C ALA A 322 25.16 -4.96 -3.99
N MET A 323 24.24 -5.76 -4.54
CA MET A 323 23.92 -7.09 -3.99
C MET A 323 24.77 -8.17 -4.65
N ASP A 324 24.74 -9.31 -3.99
CA ASP A 324 25.37 -10.55 -4.53
C ASP A 324 24.67 -10.89 -5.86
N PRO A 325 25.37 -11.61 -6.75
CA PRO A 325 24.82 -11.83 -8.08
C PRO A 325 23.41 -12.43 -8.11
N ALA A 326 23.17 -13.43 -7.32
CA ALA A 326 21.88 -14.12 -7.38
C ALA A 326 20.71 -13.15 -6.97
N THR A 327 20.96 -12.41 -5.90
CA THR A 327 19.94 -11.47 -5.41
C THR A 327 19.77 -10.34 -6.39
N ALA A 328 20.85 -9.79 -6.94
CA ALA A 328 20.72 -8.73 -7.90
C ALA A 328 19.85 -9.15 -9.06
N ALA A 329 20.13 -10.37 -9.60
CA ALA A 329 19.43 -10.87 -10.73
C ALA A 329 17.93 -11.08 -10.38
N ARG A 330 17.66 -11.62 -9.20
CA ARG A 330 16.26 -11.85 -8.79
C ARG A 330 15.51 -10.51 -8.76
N TRP A 331 16.11 -9.53 -8.12
CA TRP A 331 15.46 -8.20 -8.02
C TRP A 331 15.25 -7.58 -9.37
N ARG A 332 16.28 -7.73 -10.27
CA ARG A 332 16.12 -7.18 -11.59
C ARG A 332 15.06 -7.88 -12.39
N GLY A 333 14.90 -9.17 -12.22
CA GLY A 333 13.87 -9.93 -12.92
C GLY A 333 12.46 -9.52 -12.40
N LEU A 334 12.31 -9.35 -11.10
CA LEU A 334 11.03 -8.83 -10.52
C LEU A 334 10.71 -7.49 -11.21
N CYS A 335 11.64 -6.56 -11.25
CA CYS A 335 11.46 -5.26 -11.84
C CYS A 335 11.14 -5.34 -13.31
N ALA A 336 11.87 -6.20 -14.06
CA ALA A 336 11.58 -6.32 -15.47
C ALA A 336 10.15 -6.78 -15.70
N GLY A 337 9.63 -7.65 -14.82
CA GLY A 337 8.23 -8.08 -14.92
C GLY A 337 7.22 -6.94 -14.61
N TRP A 338 7.47 -6.22 -13.53
CA TRP A 338 6.59 -5.07 -13.19
C TRP A 338 6.58 -4.01 -14.27
N ILE A 339 7.68 -3.85 -15.01
CA ILE A 339 7.74 -2.91 -16.09
C ILE A 339 7.04 -3.49 -17.34
N ALA A 340 7.36 -4.72 -17.72
CA ALA A 340 6.83 -5.26 -18.98
C ALA A 340 5.32 -5.44 -18.95
N ARG A 341 4.77 -5.82 -17.81
CA ARG A 341 3.31 -6.03 -17.72
C ARG A 341 2.52 -4.74 -17.62
N ASP A 342 3.18 -3.65 -17.37
CA ASP A 342 2.49 -2.35 -17.16
C ASP A 342 2.56 -1.57 -18.44
N THR A 343 1.53 -1.77 -19.26
CA THR A 343 1.34 -1.03 -20.50
C THR A 343 0.38 0.17 -20.27
N TYR A 344 -0.09 0.33 -19.04
CA TYR A 344 -1.11 1.35 -18.71
C TYR A 344 -0.46 2.65 -18.31
N ARG A 345 0.52 2.61 -17.42
CA ARG A 345 1.31 3.77 -17.08
C ARG A 345 2.80 3.41 -17.26
N PRO A 346 3.28 3.26 -18.48
CA PRO A 346 4.67 2.81 -18.70
C PRO A 346 5.66 3.65 -17.90
N ILE A 347 6.59 2.98 -17.27
CA ILE A 347 7.49 3.69 -16.33
C ILE A 347 8.30 4.84 -16.95
N LEU A 348 8.64 4.73 -18.24
CA LEU A 348 9.44 5.78 -18.87
C LEU A 348 8.65 7.03 -19.21
N ASN A 349 7.32 6.98 -19.20
CA ASN A 349 6.58 8.21 -19.50
C ASN A 349 6.74 9.24 -18.32
N SER A 350 7.24 10.45 -18.59
CA SER A 350 7.53 11.48 -17.56
C SER A 350 8.64 11.12 -16.52
N ALA A 351 9.44 10.04 -16.76
CA ALA A 351 10.51 9.65 -15.88
C ALA A 351 11.60 10.70 -15.84
N SER A 352 12.21 10.84 -14.68
CA SER A 352 13.41 11.69 -14.53
C SER A 352 14.60 11.13 -15.31
N VAL A 353 15.65 11.93 -15.41
CA VAL A 353 16.84 11.39 -16.04
C VAL A 353 17.43 10.22 -15.21
N PRO A 354 17.56 10.32 -13.87
CA PRO A 354 18.03 9.17 -13.10
C PRO A 354 17.19 7.89 -13.24
N ARG A 355 15.85 8.06 -13.22
CA ARG A 355 15.00 6.90 -13.36
C ARG A 355 15.19 6.26 -14.74
N THR A 356 15.20 7.11 -15.77
CA THR A 356 15.46 6.61 -17.12
C THR A 356 16.75 5.82 -17.20
N ALA A 357 17.80 6.33 -16.61
CA ALA A 357 19.11 5.63 -16.64
C ALA A 357 18.99 4.25 -15.99
N LEU A 358 18.30 4.15 -14.85
CA LEU A 358 18.22 2.86 -14.18
C LEU A 358 17.39 1.87 -15.01
N VAL A 359 16.29 2.34 -15.61
CA VAL A 359 15.46 1.46 -16.42
C VAL A 359 16.23 1.00 -17.67
N LYS A 360 16.97 1.90 -18.31
CA LYS A 360 17.86 1.53 -19.45
C LYS A 360 18.91 0.54 -19.02
N GLN A 361 19.54 0.75 -17.90
CA GLN A 361 20.58 -0.17 -17.35
C GLN A 361 19.94 -1.57 -17.21
N LEU A 362 18.71 -1.62 -16.69
CA LEU A 362 18.03 -2.90 -16.53
C LEU A 362 17.82 -3.57 -17.86
N GLU A 363 17.30 -2.82 -18.80
CA GLU A 363 17.11 -3.38 -20.15
C GLU A 363 18.47 -3.97 -20.72
N ALA A 364 19.59 -3.31 -20.44
CA ALA A 364 20.88 -3.76 -20.97
C ALA A 364 21.42 -5.03 -20.32
N THR A 365 20.95 -5.41 -19.13
CA THR A 365 21.38 -6.63 -18.50
C THR A 365 20.80 -7.80 -19.22
N GLY A 366 19.71 -7.61 -19.94
CA GLY A 366 19.03 -8.76 -20.56
C GLY A 366 18.32 -9.71 -19.60
N VAL A 367 18.20 -9.30 -18.34
CA VAL A 367 17.43 -10.09 -17.37
C VAL A 367 15.91 -10.22 -17.78
N ALA A 368 15.42 -11.44 -17.90
CA ALA A 368 14.02 -11.73 -18.29
C ALA A 368 13.02 -11.32 -17.21
N PRO A 369 11.82 -10.95 -17.62
CA PRO A 369 10.77 -10.62 -16.63
C PRO A 369 10.30 -11.83 -15.84
N VAL A 370 10.15 -11.66 -14.56
CA VAL A 370 9.66 -12.68 -13.64
C VAL A 370 8.15 -12.44 -13.45
N ALA A 371 7.32 -13.46 -13.65
CA ALA A 371 5.90 -13.44 -13.40
C ALA A 371 5.59 -13.36 -11.94
N GLU A 372 4.40 -12.83 -11.63
CA GLU A 372 3.89 -12.85 -10.25
C GLU A 372 3.41 -14.28 -9.92
N ALA A 373 3.95 -14.89 -8.90
CA ALA A 373 3.64 -16.27 -8.54
C ALA A 373 2.18 -16.41 -8.08
N THR A 374 1.52 -17.47 -8.48
CA THR A 374 0.19 -17.75 -7.97
C THR A 374 0.32 -18.12 -6.48
N GLY A 375 -0.80 -17.94 -5.79
CA GLY A 375 -0.87 -18.34 -4.39
C GLY A 375 -1.02 -17.18 -3.43
N HIS A 376 -0.66 -17.44 -2.20
CA HIS A 376 -1.12 -16.63 -1.06
C HIS A 376 0.06 -16.04 -0.31
N LYS A 377 0.00 -14.74 -0.02
CA LYS A 377 0.98 -14.07 0.80
C LYS A 377 0.20 -13.35 1.90
N LEU A 378 0.38 -13.75 3.11
CA LEU A 378 -0.36 -13.23 4.25
C LEU A 378 0.47 -12.31 5.10
N PHE A 379 -0.13 -11.25 5.60
CA PHE A 379 0.56 -10.26 6.44
C PHE A 379 -0.31 -10.04 7.71
N PRO A 380 -0.32 -11.04 8.60
CA PRO A 380 -1.18 -10.91 9.78
C PRO A 380 -0.90 -9.72 10.67
N ALA A 381 0.33 -9.23 10.78
CA ALA A 381 0.56 -8.08 11.64
C ALA A 381 -0.13 -6.84 11.16
N MET A 382 -0.42 -6.73 9.88
CA MET A 382 -1.09 -5.54 9.33
C MET A 382 -2.48 -5.84 8.74
N ASP A 383 -3.05 -7.00 9.05
CA ASP A 383 -4.41 -7.34 8.60
C ASP A 383 -4.56 -7.19 7.11
N ARG A 384 -3.58 -7.70 6.35
CA ARG A 384 -3.63 -7.62 4.90
C ARG A 384 -3.28 -8.99 4.34
N THR A 385 -3.94 -9.38 3.26
CA THR A 385 -3.55 -10.60 2.52
C THR A 385 -3.58 -10.30 1.03
N MET A 386 -2.74 -11.06 0.33
CA MET A 386 -2.62 -10.99 -1.13
C MET A 386 -2.86 -12.42 -1.63
N HIS A 387 -3.52 -12.54 -2.75
CA HIS A 387 -3.84 -13.83 -3.33
C HIS A 387 -3.79 -13.69 -4.83
N ARG A 388 -3.18 -14.64 -5.52
CA ARG A 388 -3.00 -14.55 -6.95
C ARG A 388 -3.43 -15.80 -7.65
N GLY A 389 -3.99 -15.62 -8.84
CA GLY A 389 -4.16 -16.72 -9.79
C GLY A 389 -3.99 -16.19 -11.17
N PRO A 390 -4.16 -17.03 -12.20
CA PRO A 390 -3.90 -16.58 -13.57
C PRO A 390 -4.81 -15.43 -13.92
N GLY A 391 -4.23 -14.27 -14.17
CA GLY A 391 -4.97 -13.08 -14.54
C GLY A 391 -5.55 -12.25 -13.44
N TRP A 392 -5.25 -12.54 -12.19
CA TRP A 392 -5.89 -11.73 -11.10
C TRP A 392 -5.03 -11.72 -9.87
N ALA A 393 -5.24 -10.65 -9.08
CA ALA A 393 -4.66 -10.53 -7.77
C ALA A 393 -5.75 -9.97 -6.87
N LEU A 394 -6.07 -10.64 -5.79
CA LEU A 394 -7.00 -10.16 -4.77
C LEU A 394 -6.22 -9.62 -3.63
N SER A 395 -6.58 -8.37 -3.24
CA SER A 395 -6.03 -7.74 -2.05
C SER A 395 -7.22 -7.51 -1.10
N LEU A 396 -7.14 -8.08 0.10
CA LEU A 396 -8.16 -7.85 1.13
C LEU A 396 -7.71 -6.79 2.11
N ALA A 397 -8.65 -5.88 2.44
CA ALA A 397 -8.39 -4.81 3.40
C ALA A 397 -9.31 -4.95 4.62
N LEU A 398 -8.75 -5.36 5.75
CA LEU A 398 -9.44 -5.59 7.01
C LEU A 398 -9.04 -4.56 8.00
N SER A 399 -9.66 -4.63 9.19
CA SER A 399 -9.32 -3.75 10.29
C SER A 399 -9.53 -4.57 11.56
N SER A 400 -8.95 -4.12 12.66
CA SER A 400 -9.05 -4.89 13.91
C SER A 400 -8.63 -4.02 15.08
N ASN A 401 -8.57 -4.63 16.28
CA ASN A 401 -8.09 -3.91 17.44
C ASN A 401 -6.61 -3.49 17.32
N ARG A 402 -5.90 -3.96 16.29
CA ARG A 402 -4.54 -3.52 15.96
C ARG A 402 -4.47 -2.53 14.78
N ILE A 403 -5.46 -2.51 13.90
CA ILE A 403 -5.35 -1.88 12.58
C ILE A 403 -6.58 -0.99 12.35
N ALA A 404 -6.33 0.27 12.12
CA ALA A 404 -7.38 1.28 11.98
C ALA A 404 -8.24 1.06 10.77
N TRP A 405 -9.54 1.48 10.89
CA TRP A 405 -10.41 1.46 9.74
C TRP A 405 -9.82 2.19 8.54
N TYR A 406 -9.20 3.35 8.82
CA TYR A 406 -8.59 4.21 7.80
C TYR A 406 -7.73 5.26 8.44
N GLU A 407 -6.96 5.93 7.61
CA GLU A 407 -6.06 6.98 8.03
C GLU A 407 -6.36 8.24 7.20
N CYS A 408 -6.68 9.36 7.89
CA CYS A 408 -6.84 10.62 7.20
C CYS A 408 -6.10 11.70 7.92
N GLY A 409 -5.83 12.76 7.19
CA GLY A 409 -5.19 13.92 7.79
C GLY A 409 -4.80 14.92 6.75
N ASN A 410 -4.56 16.14 7.19
CA ASN A 410 -4.17 17.21 6.28
C ASN A 410 -5.14 17.37 5.11
N GLY A 411 -6.45 17.10 5.36
CA GLY A 411 -7.35 17.23 4.24
C GLY A 411 -7.38 16.08 3.25
N GLU A 412 -6.73 14.97 3.59
CA GLU A 412 -6.57 13.86 2.66
C GLU A 412 -7.22 12.59 3.18
N ASN A 413 -8.08 11.98 2.35
CA ASN A 413 -8.71 10.68 2.66
C ASN A 413 -9.76 10.75 3.78
N ASN A 414 -10.37 11.93 3.96
CA ASN A 414 -11.36 12.10 5.04
C ASN A 414 -12.60 11.25 4.80
N ARG A 415 -12.82 10.79 3.60
CA ARG A 415 -14.02 10.01 3.26
C ARG A 415 -13.75 8.50 3.28
N GLY A 416 -12.52 8.11 3.61
CA GLY A 416 -12.11 6.68 3.48
C GLY A 416 -12.51 5.72 4.57
N TYR A 417 -13.58 6.06 5.31
CA TYR A 417 -13.96 5.36 6.52
C TYR A 417 -14.41 3.90 6.31
N HIS A 418 -14.87 3.54 5.14
CA HIS A 418 -15.23 2.14 4.85
C HIS A 418 -14.14 1.29 4.20
N THR A 419 -12.96 1.90 3.99
CA THR A 419 -11.91 1.22 3.23
C THR A 419 -11.29 0.05 3.99
N GLY A 420 -11.52 -0.11 5.28
CA GLY A 420 -11.05 -1.17 6.13
C GLY A 420 -12.17 -2.14 6.49
N SER A 421 -13.31 -2.10 5.78
CA SER A 421 -14.48 -2.88 6.20
C SER A 421 -14.58 -4.20 5.39
N GLY A 422 -13.42 -4.81 5.03
CA GLY A 422 -13.41 -6.05 4.29
C GLY A 422 -13.45 -5.82 2.81
N MET A 423 -12.70 -4.83 2.31
CA MET A 423 -12.67 -4.61 0.89
C MET A 423 -12.01 -5.79 0.13
N THR A 424 -12.60 -6.07 -1.04
CA THR A 424 -12.08 -7.05 -2.00
C THR A 424 -11.64 -6.35 -3.27
N TYR A 425 -10.36 -6.00 -3.37
CA TYR A 425 -9.81 -5.43 -4.61
C TYR A 425 -9.43 -6.59 -5.52
N PHE A 426 -10.08 -6.69 -6.68
CA PHE A 426 -9.63 -7.66 -7.67
C PHE A 426 -8.91 -6.92 -8.76
N TYR A 427 -7.60 -6.99 -8.71
CA TYR A 427 -6.73 -6.44 -9.73
C TYR A 427 -6.67 -7.42 -10.88
N THR A 428 -6.65 -6.92 -12.14
CA THR A 428 -6.72 -7.79 -13.30
C THR A 428 -5.97 -7.10 -14.44
N SER A 429 -6.14 -7.61 -15.66
CA SER A 429 -5.60 -6.91 -16.83
C SER A 429 -6.28 -5.58 -17.12
N ASP A 430 -7.38 -5.26 -16.43
CA ASP A 430 -7.93 -3.91 -16.43
C ASP A 430 -7.01 -3.11 -15.47
N LEU A 431 -5.84 -2.73 -15.98
CA LEU A 431 -4.79 -2.16 -15.17
C LEU A 431 -5.21 -0.85 -14.52
N GLY A 432 -6.12 -0.13 -15.16
CA GLY A 432 -6.60 1.11 -14.60
C GLY A 432 -7.81 1.00 -13.68
N GLN A 433 -8.23 -0.19 -13.28
CA GLN A 433 -9.47 -0.34 -12.50
C GLN A 433 -9.51 0.63 -11.31
N TYR A 434 -8.47 0.62 -10.48
CA TYR A 434 -8.40 1.40 -9.26
C TYR A 434 -7.74 2.75 -9.41
N ASP A 435 -7.20 2.99 -10.63
CA ASP A 435 -6.46 4.22 -10.92
C ASP A 435 -7.18 5.24 -11.75
N ASP A 436 -8.12 4.82 -12.55
CA ASP A 436 -8.74 5.72 -13.55
C ASP A 436 -9.90 6.49 -12.89
N ALA A 437 -9.52 7.42 -12.04
CA ALA A 437 -10.47 8.24 -11.27
C ALA A 437 -11.38 7.39 -10.41
N PHE A 438 -10.95 6.18 -10.03
CA PHE A 438 -11.74 5.37 -9.09
C PHE A 438 -11.99 6.15 -7.79
N TRP A 439 -10.95 6.71 -7.18
CA TRP A 439 -11.11 7.31 -5.87
C TRP A 439 -11.77 8.68 -5.92
N ALA A 440 -11.93 9.25 -7.10
CA ALA A 440 -12.68 10.50 -7.26
C ALA A 440 -14.17 10.18 -7.46
N THR A 441 -14.54 9.04 -8.01
CA THR A 441 -15.91 8.77 -8.45
C THR A 441 -16.62 7.65 -7.73
N ALA A 442 -15.91 6.73 -7.11
CA ALA A 442 -16.51 5.57 -6.44
C ALA A 442 -17.48 6.01 -5.35
N ASN A 443 -18.38 5.13 -5.07
CA ASN A 443 -19.28 5.24 -3.94
C ASN A 443 -18.56 4.79 -2.68
N TYR A 444 -18.14 5.75 -1.84
CA TYR A 444 -17.40 5.45 -0.63
C TYR A 444 -18.20 4.67 0.41
N ASN A 445 -19.52 4.55 0.19
CA ASN A 445 -20.40 3.70 1.01
C ASN A 445 -20.71 2.39 0.38
N ARG A 446 -20.18 2.09 -0.79
CA ARG A 446 -20.43 0.79 -1.44
C ARG A 446 -19.11 0.27 -2.06
N LEU A 447 -18.03 0.36 -1.34
CA LEU A 447 -16.75 -0.14 -1.84
C LEU A 447 -16.82 -1.65 -1.99
N PRO A 448 -16.08 -2.24 -2.97
CA PRO A 448 -16.23 -3.68 -3.24
C PRO A 448 -15.86 -4.51 -2.04
N GLY A 449 -16.73 -5.47 -1.73
CA GLY A 449 -16.54 -6.50 -0.73
C GLY A 449 -17.07 -6.18 0.67
N ILE A 450 -17.27 -4.90 0.96
CA ILE A 450 -17.53 -4.49 2.33
C ILE A 450 -18.92 -4.91 2.82
N THR A 451 -19.07 -5.00 4.13
CA THR A 451 -20.41 -4.90 4.73
C THR A 451 -20.49 -3.50 5.29
N VAL A 452 -21.67 -2.87 5.15
CA VAL A 452 -21.80 -1.44 5.39
C VAL A 452 -23.19 -1.09 5.92
N ASP A 453 -23.16 -0.46 7.08
CA ASP A 453 -24.38 0.24 7.60
C ASP A 453 -24.59 1.49 6.78
N THR A 454 -25.78 1.64 6.19
CA THR A 454 -26.03 2.74 5.26
C THR A 454 -26.11 4.13 5.92
N THR A 455 -26.01 4.21 7.23
CA THR A 455 -25.96 5.50 7.92
C THR A 455 -24.87 6.39 7.33
N PRO A 456 -25.19 7.54 6.76
CA PRO A 456 -24.09 8.42 6.32
C PRO A 456 -23.14 8.78 7.43
N LEU A 457 -21.82 8.75 7.14
CA LEU A 457 -20.86 9.12 8.12
C LEU A 457 -20.20 10.45 7.67
N PRO A 458 -19.85 11.31 8.61
CA PRO A 458 -19.17 12.57 8.27
C PRO A 458 -17.71 12.26 7.89
N ASP A 459 -17.20 13.11 7.05
CA ASP A 459 -15.75 13.14 6.80
C ASP A 459 -15.00 13.19 8.13
N LYS A 460 -13.89 12.43 8.22
CA LYS A 460 -13.04 12.35 9.41
C LYS A 460 -13.67 11.62 10.59
N VAL A 461 -14.77 10.90 10.36
CA VAL A 461 -15.38 10.14 11.46
C VAL A 461 -14.37 9.26 12.23
N GLU A 462 -14.62 9.14 13.54
CA GLU A 462 -13.93 8.27 14.50
C GLU A 462 -14.91 7.36 15.27
N GLY A 463 -14.41 6.31 15.97
CA GLY A 463 -15.30 5.43 16.72
C GLY A 463 -15.56 5.87 18.16
N GLN A 464 -15.94 4.91 18.97
CA GLN A 464 -16.31 5.19 20.36
C GLN A 464 -15.15 5.85 21.09
N TRP A 465 -15.43 6.95 21.76
CA TRP A 465 -14.42 7.69 22.54
C TRP A 465 -13.19 8.13 21.74
N GLY A 466 -13.40 8.45 20.48
CA GLY A 466 -12.33 8.87 19.60
C GLY A 466 -11.43 7.78 19.04
N ALA A 467 -11.82 6.53 19.25
CA ALA A 467 -11.02 5.38 18.79
C ALA A 467 -10.80 5.39 17.31
N ALA A 468 -9.58 5.00 16.87
CA ALA A 468 -9.29 4.89 15.46
C ALA A 468 -9.28 3.45 15.05
N VAL A 469 -9.37 2.50 16.00
CA VAL A 469 -9.39 1.09 15.73
C VAL A 469 -10.66 0.43 16.23
N PRO A 470 -11.21 -0.53 15.50
CA PRO A 470 -12.38 -1.25 16.01
C PRO A 470 -12.03 -2.20 17.14
N ALA A 471 -12.87 -2.23 18.19
CA ALA A 471 -12.69 -3.15 19.29
C ALA A 471 -13.29 -4.49 18.93
N ASP A 472 -12.67 -5.18 17.97
CA ASP A 472 -13.24 -6.39 17.44
C ASP A 472 -12.67 -7.64 18.11
N GLU A 473 -13.21 -8.80 17.75
CA GLU A 473 -12.75 -10.05 18.30
C GLU A 473 -11.39 -10.45 17.69
N TRP A 474 -11.30 -10.48 16.34
CA TRP A 474 -10.07 -10.79 15.61
C TRP A 474 -10.25 -10.52 14.15
N SER A 475 -9.13 -10.29 13.46
CA SER A 475 -9.01 -10.42 12.01
C SER A 475 -7.72 -11.23 11.80
N GLY A 476 -7.69 -12.06 10.77
CA GLY A 476 -6.54 -12.92 10.59
C GLY A 476 -6.73 -13.85 9.44
N ALA A 477 -5.73 -14.74 9.25
CA ALA A 477 -5.74 -15.58 8.05
C ALA A 477 -4.80 -16.78 8.24
N THR A 478 -4.98 -17.79 7.40
CA THR A 478 -4.00 -18.85 7.18
C THR A 478 -4.10 -19.32 5.74
N ALA A 479 -3.18 -20.17 5.31
CA ALA A 479 -3.22 -20.77 3.98
C ALA A 479 -2.38 -22.03 3.96
N LEU A 480 -2.88 -22.97 3.18
CA LEU A 480 -2.19 -24.24 2.90
C LEU A 480 -2.24 -24.43 1.39
N GLY A 481 -1.07 -24.49 0.75
CA GLY A 481 -1.01 -24.73 -0.67
C GLY A 481 -1.88 -23.71 -1.40
N GLU A 482 -2.79 -24.20 -2.21
CA GLU A 482 -3.59 -23.31 -3.07
C GLU A 482 -4.75 -22.57 -2.39
N VAL A 483 -5.03 -22.85 -1.13
CA VAL A 483 -6.24 -22.29 -0.48
C VAL A 483 -5.91 -21.50 0.77
N ALA A 484 -6.50 -20.31 0.86
CA ALA A 484 -6.43 -19.46 2.06
C ALA A 484 -7.80 -19.35 2.75
N ALA A 485 -7.74 -19.16 4.06
CA ALA A 485 -8.91 -18.81 4.87
C ALA A 485 -8.61 -17.49 5.57
N VAL A 486 -9.46 -16.48 5.36
CA VAL A 486 -9.29 -15.14 5.95
C VAL A 486 -10.55 -14.79 6.69
N GLY A 487 -10.47 -14.22 7.88
CA GLY A 487 -11.63 -13.78 8.63
C GLY A 487 -11.47 -12.36 9.16
N GLN A 488 -12.60 -11.69 9.30
CA GLN A 488 -12.66 -10.37 9.90
C GLN A 488 -13.96 -10.25 10.72
N HIS A 489 -13.84 -10.00 12.01
CA HIS A 489 -15.00 -9.56 12.79
C HIS A 489 -15.07 -8.05 12.53
N LEU A 490 -16.02 -7.60 11.74
CA LEU A 490 -16.16 -6.22 11.41
C LEU A 490 -16.99 -5.52 12.48
N VAL A 491 -16.43 -4.47 13.07
CA VAL A 491 -17.13 -3.48 13.89
C VAL A 491 -17.23 -2.24 13.07
N GLY A 492 -18.44 -1.71 12.82
CA GLY A 492 -18.53 -0.63 11.88
C GLY A 492 -17.96 0.68 12.40
N PRO A 493 -17.45 1.54 11.54
CA PRO A 493 -16.95 2.84 11.94
C PRO A 493 -18.17 3.77 12.28
N GLY A 494 -17.87 4.85 12.92
CA GLY A 494 -18.91 5.85 13.20
C GLY A 494 -19.95 5.49 14.24
N ARG A 495 -19.65 4.54 15.11
CA ARG A 495 -20.48 4.26 16.29
C ARG A 495 -21.88 3.78 15.94
N THR A 496 -22.04 3.16 14.78
CA THR A 496 -23.39 2.69 14.40
C THR A 496 -23.81 1.43 15.12
N GLY A 497 -22.82 0.68 15.63
CA GLY A 497 -23.08 -0.63 16.20
C GLY A 497 -23.18 -1.78 15.21
N LEU A 498 -22.74 -1.54 13.97
CA LEU A 498 -22.68 -2.59 12.99
C LEU A 498 -21.69 -3.67 13.48
N THR A 499 -22.15 -4.91 13.40
CA THR A 499 -21.26 -6.06 13.56
C THR A 499 -21.53 -7.06 12.45
N ALA A 500 -20.46 -7.69 11.97
CA ALA A 500 -20.56 -8.71 10.94
C ALA A 500 -19.37 -9.64 11.05
N ARG A 501 -19.57 -10.89 10.70
CA ARG A 501 -18.48 -11.86 10.59
C ARG A 501 -18.27 -12.21 9.15
N LYS A 502 -17.18 -11.70 8.60
CA LYS A 502 -16.89 -11.80 7.19
C LYS A 502 -15.70 -12.76 7.02
N SER A 503 -15.81 -13.72 6.12
CA SER A 503 -14.70 -14.60 5.80
C SER A 503 -14.56 -14.75 4.31
N TRP A 504 -13.32 -15.06 3.89
CA TRP A 504 -12.98 -15.28 2.51
C TRP A 504 -12.18 -16.57 2.39
N PHE A 505 -12.57 -17.39 1.43
CA PHE A 505 -11.92 -18.67 1.18
C PHE A 505 -11.44 -18.63 -0.26
N VAL A 506 -10.13 -18.56 -0.44
CA VAL A 506 -9.61 -18.15 -1.71
C VAL A 506 -8.81 -19.31 -2.28
N SER A 507 -9.17 -19.75 -3.47
CA SER A 507 -8.44 -20.87 -4.13
C SER A 507 -7.56 -20.32 -5.23
N GLY A 508 -7.08 -21.19 -6.11
CA GLY A 508 -6.26 -20.74 -7.22
C GLY A 508 -7.06 -20.03 -8.30
N ASP A 509 -8.39 -20.12 -8.25
CA ASP A 509 -9.26 -19.47 -9.21
C ASP A 509 -10.38 -18.64 -8.67
N VAL A 510 -11.09 -19.14 -7.67
CA VAL A 510 -12.35 -18.53 -7.21
C VAL A 510 -12.23 -18.13 -5.76
N THR A 511 -12.94 -17.09 -5.40
CA THR A 511 -12.98 -16.59 -4.03
C THR A 511 -14.43 -16.74 -3.52
N VAL A 512 -14.59 -17.46 -2.41
CA VAL A 512 -15.89 -17.64 -1.79
C VAL A 512 -15.94 -16.72 -0.59
N CYS A 513 -17.03 -15.96 -0.53
CA CYS A 513 -17.20 -14.89 0.47
C CYS A 513 -18.40 -15.25 1.32
N LEU A 514 -18.19 -15.44 2.62
CA LEU A 514 -19.28 -15.76 3.53
C LEU A 514 -19.41 -14.66 4.59
N GLY A 515 -20.66 -14.43 4.95
CA GLY A 515 -20.94 -13.46 5.99
C GLY A 515 -22.02 -13.98 6.93
N ALA A 516 -21.89 -13.67 8.21
CA ALA A 516 -22.85 -14.19 9.22
C ALA A 516 -22.98 -13.23 10.37
N ASP A 517 -24.03 -13.39 11.16
CA ASP A 517 -24.16 -12.73 12.45
C ASP A 517 -24.22 -11.22 12.27
N ILE A 518 -24.85 -10.75 11.20
CA ILE A 518 -24.90 -9.33 10.87
C ILE A 518 -26.07 -8.64 11.61
N SER A 519 -25.74 -7.57 12.31
CA SER A 519 -26.76 -6.71 12.93
C SER A 519 -26.18 -5.30 13.10
N THR A 520 -27.03 -4.34 13.43
CA THR A 520 -26.56 -3.00 13.75
C THR A 520 -27.49 -2.35 14.79
N ALA A 521 -27.05 -1.25 15.35
CA ALA A 521 -27.85 -0.50 16.38
C ALA A 521 -28.44 0.76 15.81
N SER A 522 -28.16 1.10 14.56
CA SER A 522 -28.50 2.44 14.03
C SER A 522 -29.94 2.57 13.57
N GLY A 523 -30.56 1.46 13.29
CA GLY A 523 -31.86 1.51 12.61
C GLY A 523 -31.87 1.61 11.10
N ALA A 524 -30.67 1.74 10.48
CA ALA A 524 -30.53 1.83 9.00
C ALA A 524 -30.35 0.43 8.38
N LYS A 525 -30.67 0.31 7.13
CA LYS A 525 -30.39 -0.94 6.41
C LYS A 525 -28.89 -1.12 6.28
N VAL A 526 -28.55 -2.39 6.19
CA VAL A 526 -27.13 -2.84 6.03
C VAL A 526 -27.02 -3.52 4.70
N GLU A 527 -25.92 -3.26 3.99
CA GLU A 527 -25.65 -3.88 2.70
C GLU A 527 -24.34 -4.66 2.74
N THR A 528 -24.23 -5.62 1.86
CA THR A 528 -22.89 -6.19 1.55
C THR A 528 -22.66 -6.07 0.05
N ILE A 529 -21.47 -5.62 -0.32
CA ILE A 529 -21.18 -5.27 -1.70
C ILE A 529 -20.42 -6.40 -2.36
N VAL A 530 -21.09 -7.11 -3.25
CA VAL A 530 -20.46 -8.17 -4.06
C VAL A 530 -19.41 -7.49 -4.98
N ASP A 531 -19.75 -6.41 -5.63
CA ASP A 531 -18.71 -5.66 -6.38
C ASP A 531 -19.17 -4.24 -6.62
N HIS A 532 -18.21 -3.36 -6.83
CA HIS A 532 -18.39 -1.98 -7.26
C HIS A 532 -17.19 -1.76 -8.17
N ARG A 533 -17.46 -1.82 -9.47
CA ARG A 533 -16.42 -2.05 -10.45
C ARG A 533 -16.48 -0.95 -11.52
N ASN A 534 -15.35 -0.27 -11.69
CA ASN A 534 -15.15 0.78 -12.67
C ASN A 534 -15.22 0.20 -14.06
N LEU A 535 -16.15 0.67 -14.87
CA LEU A 535 -16.25 0.32 -16.27
C LEU A 535 -15.64 1.37 -17.16
N HIS A 536 -15.12 2.45 -16.57
CA HIS A 536 -14.44 3.50 -17.37
C HIS A 536 -15.58 4.17 -18.19
N GLN A 537 -15.51 4.20 -19.50
CA GLN A 537 -16.60 4.73 -20.30
C GLN A 537 -17.41 3.61 -20.95
N GLY A 538 -17.25 2.38 -20.50
CA GLY A 538 -17.87 1.25 -21.15
C GLY A 538 -19.34 1.01 -20.78
N SER A 539 -19.94 0.19 -21.61
CA SER A 539 -21.30 -0.31 -21.44
C SER A 539 -21.31 -1.81 -21.24
N ASN A 540 -20.35 -2.28 -20.49
CA ASN A 540 -20.08 -3.71 -20.32
C ASN A 540 -21.35 -4.47 -19.92
N THR A 541 -21.67 -5.49 -20.68
CA THR A 541 -22.88 -6.26 -20.47
C THR A 541 -22.83 -7.12 -19.21
N LEU A 542 -23.96 -7.13 -18.51
CA LEU A 542 -24.19 -8.05 -17.37
C LEU A 542 -25.12 -9.16 -17.83
N THR A 543 -24.56 -10.36 -17.99
CA THR A 543 -25.28 -11.55 -18.55
C THR A 543 -25.73 -12.44 -17.43
N THR A 544 -26.93 -13.01 -17.60
CA THR A 544 -27.55 -13.86 -16.60
C THR A 544 -28.11 -15.11 -17.33
N ALA A 545 -28.66 -16.04 -16.55
CA ALA A 545 -29.31 -17.24 -17.15
C ALA A 545 -30.45 -16.80 -18.07
N ALA A 546 -31.17 -15.76 -17.68
CA ALA A 546 -32.41 -15.21 -18.30
C ALA A 546 -32.17 -14.22 -19.45
N GLY A 547 -30.91 -13.84 -19.67
CA GLY A 547 -30.55 -12.88 -20.70
C GLY A 547 -29.50 -11.90 -20.21
N THR A 548 -29.93 -10.67 -20.05
CA THR A 548 -29.09 -9.61 -19.44
C THR A 548 -29.82 -8.94 -18.30
N ILE A 549 -29.09 -8.21 -17.49
CA ILE A 549 -29.66 -7.47 -16.38
C ILE A 549 -29.03 -6.08 -16.33
N ALA A 550 -29.70 -5.13 -15.72
CA ALA A 550 -29.13 -3.80 -15.44
C ALA A 550 -28.69 -3.16 -16.74
N GLY A 551 -29.51 -3.24 -17.78
CA GLY A 551 -29.17 -2.63 -19.05
C GLY A 551 -29.36 -1.11 -19.01
N THR A 552 -30.18 -0.61 -18.10
CA THR A 552 -30.50 0.81 -18.03
C THR A 552 -29.79 1.47 -16.87
N ALA A 553 -28.89 2.41 -17.13
CA ALA A 553 -28.19 3.11 -16.08
C ALA A 553 -29.19 3.78 -15.13
N GLY A 554 -28.95 3.62 -13.86
CA GLY A 554 -29.75 4.23 -12.81
C GLY A 554 -30.94 3.43 -12.33
N THR A 555 -31.24 2.31 -12.99
CA THR A 555 -32.39 1.44 -12.61
C THR A 555 -31.92 0.10 -12.09
N VAL A 556 -31.96 -0.05 -10.78
CA VAL A 556 -31.52 -1.27 -10.14
C VAL A 556 -32.46 -2.42 -10.52
N GLU A 557 -31.94 -3.62 -10.69
CA GLU A 557 -32.76 -4.83 -10.92
C GLU A 557 -32.31 -5.95 -10.01
N VAL A 558 -33.18 -6.86 -9.68
CA VAL A 558 -32.89 -8.05 -8.89
C VAL A 558 -32.66 -9.26 -9.78
N LEU A 559 -31.61 -10.02 -9.48
CA LEU A 559 -31.25 -11.19 -10.25
C LEU A 559 -32.27 -12.32 -10.11
N GLY A 560 -32.43 -13.07 -11.19
CA GLY A 560 -33.11 -14.37 -11.14
C GLY A 560 -32.60 -15.49 -10.20
N ASP A 561 -33.27 -16.61 -10.38
CA ASP A 561 -33.01 -17.83 -9.61
C ASP A 561 -31.89 -18.66 -10.21
N GLY A 562 -31.40 -18.20 -11.37
CA GLY A 562 -30.17 -18.68 -12.02
C GLY A 562 -28.95 -18.57 -11.09
N ARG A 563 -29.01 -17.52 -10.29
CA ARG A 563 -28.08 -17.21 -9.20
C ARG A 563 -26.69 -16.81 -9.67
N TRP A 564 -26.47 -16.59 -10.96
CA TRP A 564 -25.14 -16.13 -11.47
C TRP A 564 -25.31 -14.91 -12.33
N VAL A 565 -24.25 -14.11 -12.39
CA VAL A 565 -24.20 -12.93 -13.25
C VAL A 565 -22.76 -12.81 -13.75
N HIS A 566 -22.60 -12.52 -15.02
CA HIS A 566 -21.26 -12.35 -15.60
C HIS A 566 -21.13 -10.90 -16.06
N LEU A 567 -19.99 -10.29 -15.73
CA LEU A 567 -19.70 -8.92 -16.13
C LEU A 567 -18.67 -8.97 -17.25
N GLU A 568 -19.05 -8.47 -18.41
CA GLU A 568 -18.18 -8.36 -19.57
C GLU A 568 -16.91 -7.62 -19.19
N GLY A 569 -15.77 -8.20 -19.55
CA GLY A 569 -14.49 -7.61 -19.24
C GLY A 569 -13.94 -7.95 -17.89
N PHE A 570 -14.75 -8.61 -17.04
CA PHE A 570 -14.28 -8.98 -15.69
C PHE A 570 -14.32 -10.47 -15.41
N GLY A 571 -15.48 -11.09 -15.41
CA GLY A 571 -15.63 -12.44 -14.91
C GLY A 571 -17.00 -12.63 -14.30
N GLY A 572 -17.12 -13.64 -13.45
CA GLY A 572 -18.41 -14.11 -12.94
C GLY A 572 -18.56 -13.93 -11.47
N TYR A 573 -19.84 -13.84 -11.11
CA TYR A 573 -20.28 -13.85 -9.73
C TYR A 573 -21.41 -14.89 -9.56
N ALA A 574 -21.48 -15.55 -8.43
CA ALA A 574 -22.58 -16.47 -8.19
C ALA A 574 -22.98 -16.46 -6.75
N MET A 575 -24.28 -16.57 -6.50
CA MET A 575 -24.84 -16.58 -5.15
C MET A 575 -24.85 -18.00 -4.63
N LEU A 576 -24.45 -18.16 -3.39
CA LEU A 576 -24.42 -19.43 -2.68
C LEU A 576 -25.49 -19.54 -1.62
N ASP A 577 -26.43 -18.60 -1.61
CA ASP A 577 -27.60 -18.69 -0.70
C ASP A 577 -28.78 -18.11 -1.49
N ASP A 578 -29.90 -17.92 -0.79
CA ASP A 578 -31.10 -17.35 -1.39
C ASP A 578 -31.21 -15.84 -1.24
N SER A 579 -30.14 -15.13 -0.94
CA SER A 579 -30.28 -13.69 -0.79
C SER A 579 -30.55 -13.05 -2.17
N PRO A 580 -31.51 -12.15 -2.28
CA PRO A 580 -31.64 -11.41 -3.54
C PRO A 580 -30.34 -10.65 -3.86
N LEU A 581 -29.97 -10.65 -5.13
CA LEU A 581 -28.81 -9.85 -5.56
C LEU A 581 -29.34 -8.66 -6.36
N HIS A 582 -29.00 -7.46 -5.91
CA HIS A 582 -29.37 -6.20 -6.57
C HIS A 582 -28.24 -5.80 -7.49
N VAL A 583 -28.57 -5.48 -8.73
CA VAL A 583 -27.58 -5.15 -9.76
C VAL A 583 -27.91 -3.77 -10.34
N LEU A 584 -26.93 -2.88 -10.28
CA LEU A 584 -27.11 -1.48 -10.69
C LEU A 584 -25.98 -1.10 -11.64
N ARG A 585 -26.32 -0.65 -12.82
CA ARG A 585 -25.38 0.07 -13.71
C ARG A 585 -25.51 1.53 -13.41
N GLU A 586 -24.46 2.25 -13.13
CA GLU A 586 -24.60 3.64 -12.74
C GLU A 586 -23.52 4.50 -13.31
N THR A 587 -23.81 5.76 -13.56
CA THR A 587 -22.80 6.75 -13.96
C THR A 587 -22.57 7.64 -12.77
N ARG A 588 -21.31 7.81 -12.36
CA ARG A 588 -20.94 8.53 -11.19
C ARG A 588 -20.02 9.66 -11.61
N SER A 589 -20.00 10.72 -10.85
CA SER A 589 -19.15 11.85 -11.14
C SER A 589 -18.56 12.38 -9.88
N GLY A 590 -17.37 12.93 -9.97
CA GLY A 590 -16.76 13.60 -8.84
C GLY A 590 -15.42 14.21 -9.28
N SER A 591 -14.95 15.17 -8.51
CA SER A 591 -13.62 15.74 -8.69
C SER A 591 -12.68 15.23 -7.61
N TRP A 592 -11.39 15.29 -7.86
CA TRP A 592 -10.43 14.95 -6.81
C TRP A 592 -10.48 15.91 -5.64
N SER A 593 -10.92 17.15 -5.88
CA SER A 593 -11.10 18.11 -4.79
C SER A 593 -12.15 17.64 -3.79
N GLY A 594 -13.03 16.73 -4.19
CA GLY A 594 -14.04 16.23 -3.27
C GLY A 594 -13.45 15.25 -2.25
N VAL A 595 -12.28 14.65 -2.56
CA VAL A 595 -11.66 13.64 -1.67
C VAL A 595 -10.31 14.09 -1.10
N ASN A 596 -9.78 15.25 -1.56
CA ASN A 596 -8.51 15.72 -1.09
C ASN A 596 -8.53 17.24 -1.24
N ILE A 597 -8.14 17.93 -0.21
CA ILE A 597 -8.14 19.42 -0.21
C ILE A 597 -7.27 19.98 -1.34
N ASN A 598 -6.26 19.22 -1.74
CA ASN A 598 -5.39 19.59 -2.83
C ASN A 598 -5.81 19.14 -4.22
N GLY A 599 -6.87 18.36 -4.32
CA GLY A 599 -7.27 17.79 -5.57
C GLY A 599 -7.81 18.84 -6.53
N SER A 600 -7.68 18.53 -7.81
CA SER A 600 -8.20 19.40 -8.88
C SER A 600 -9.74 19.43 -8.89
N ALA A 601 -10.27 20.54 -9.39
CA ALA A 601 -11.71 20.75 -9.54
C ALA A 601 -12.33 20.06 -10.73
N THR A 602 -11.56 19.58 -11.69
CA THR A 602 -12.04 18.88 -12.87
C THR A 602 -12.96 17.76 -12.45
N VAL A 603 -14.13 17.66 -13.10
CA VAL A 603 -15.08 16.60 -12.82
C VAL A 603 -14.78 15.39 -13.70
N GLN A 604 -14.61 14.26 -13.04
CA GLN A 604 -14.44 13.00 -13.74
C GLN A 604 -15.75 12.26 -13.69
N GLN A 605 -16.11 11.65 -14.79
CA GLN A 605 -17.36 10.89 -14.89
C GLN A 605 -17.00 9.47 -15.26
N ARG A 606 -17.49 8.47 -14.52
CA ARG A 606 -17.14 7.09 -14.77
C ARG A 606 -18.37 6.22 -14.61
N ASN A 607 -18.44 5.17 -15.42
CA ASN A 607 -19.48 4.16 -15.30
C ASN A 607 -19.05 3.09 -14.34
N PHE A 608 -20.00 2.57 -13.54
CA PHE A 608 -19.79 1.48 -12.60
C PHE A 608 -20.85 0.40 -12.74
N ALA A 609 -20.46 -0.84 -12.44
CA ALA A 609 -21.37 -1.91 -12.11
C ALA A 609 -21.34 -2.15 -10.63
N THR A 610 -22.52 -2.16 -9.99
CA THR A 610 -22.62 -2.27 -8.55
C THR A 610 -23.57 -3.40 -8.19
N LEU A 611 -23.06 -4.40 -7.49
CA LEU A 611 -23.81 -5.61 -7.16
C LEU A 611 -23.82 -5.75 -5.67
N TYR A 612 -25.00 -5.86 -5.05
CA TYR A 612 -25.08 -5.87 -3.59
C TYR A 612 -26.26 -6.69 -3.07
N VAL A 613 -26.09 -7.15 -1.82
CA VAL A 613 -27.14 -7.76 -1.04
C VAL A 613 -27.63 -6.71 -0.06
N ASN A 614 -28.96 -6.65 0.11
CA ASN A 614 -29.54 -5.78 1.09
C ASN A 614 -30.00 -6.63 2.26
N HIS A 615 -29.37 -6.52 3.41
CA HIS A 615 -29.80 -7.25 4.63
C HIS A 615 -31.03 -6.63 5.31
N GLY A 616 -31.42 -5.44 4.86
CA GLY A 616 -32.64 -4.79 5.37
C GLY A 616 -32.39 -4.09 6.64
N VAL A 617 -33.48 -3.53 7.18
CA VAL A 617 -33.46 -2.80 8.41
C VAL A 617 -33.57 -3.79 9.55
N GLY A 618 -32.84 -3.54 10.61
CA GLY A 618 -32.87 -4.39 11.76
C GLY A 618 -32.63 -5.87 11.53
N PRO A 619 -31.57 -6.20 10.77
CA PRO A 619 -31.26 -7.61 10.57
C PRO A 619 -30.96 -8.32 11.89
N VAL A 620 -31.32 -9.59 11.94
CA VAL A 620 -31.08 -10.43 13.08
C VAL A 620 -30.30 -11.60 12.53
N ALA A 621 -29.02 -11.65 12.91
CA ALA A 621 -28.08 -12.65 12.43
C ALA A 621 -28.13 -12.69 10.89
N GLY A 622 -28.05 -11.50 10.26
CA GLY A 622 -28.10 -11.47 8.80
C GLY A 622 -26.86 -12.18 8.22
N SER A 623 -26.94 -12.56 6.94
CA SER A 623 -25.87 -13.41 6.36
C SER A 623 -25.79 -13.19 4.88
N TYR A 624 -24.67 -13.59 4.27
CA TYR A 624 -24.56 -13.69 2.84
C TYR A 624 -23.61 -14.83 2.48
N ALA A 625 -23.65 -15.24 1.21
CA ALA A 625 -22.74 -16.27 0.67
C ALA A 625 -22.69 -16.09 -0.82
N TYR A 626 -21.52 -15.75 -1.36
CA TYR A 626 -21.38 -15.59 -2.80
C TYR A 626 -19.96 -15.94 -3.18
N MET A 627 -19.72 -16.00 -4.47
CA MET A 627 -18.36 -16.23 -4.94
C MET A 627 -18.06 -15.35 -6.13
N VAL A 628 -16.76 -15.12 -6.36
CA VAL A 628 -16.26 -14.31 -7.44
C VAL A 628 -15.27 -15.16 -8.24
N ALA A 629 -15.39 -15.10 -9.58
CA ALA A 629 -14.57 -15.89 -10.48
C ALA A 629 -13.93 -14.92 -11.49
N PRO A 630 -12.86 -14.21 -11.10
CA PRO A 630 -12.25 -13.26 -12.03
C PRO A 630 -11.74 -14.02 -13.27
N GLY A 631 -12.02 -13.43 -14.42
CA GLY A 631 -11.62 -13.95 -15.70
C GLY A 631 -12.52 -15.05 -16.26
N ALA A 632 -13.52 -15.52 -15.51
CA ALA A 632 -14.37 -16.60 -16.00
C ALA A 632 -15.18 -16.12 -17.20
N SER A 633 -15.32 -16.99 -18.20
CA SER A 633 -16.22 -16.74 -19.29
C SER A 633 -17.67 -16.88 -18.82
N VAL A 634 -18.60 -16.47 -19.66
CA VAL A 634 -20.05 -16.66 -19.39
C VAL A 634 -20.28 -18.16 -19.13
N ASP A 635 -19.75 -19.00 -20.02
CA ASP A 635 -20.03 -20.43 -19.87
C ASP A 635 -19.49 -21.01 -18.57
N LEU A 636 -18.30 -20.60 -18.17
N LEU A 636 -18.28 -20.63 -18.16
CA LEU A 636 -17.74 -21.07 -16.92
CA LEU A 636 -17.76 -21.09 -16.88
C LEU A 636 -18.50 -20.55 -15.71
C LEU A 636 -18.62 -20.58 -15.73
N THR A 637 -19.01 -19.32 -15.82
CA THR A 637 -19.82 -18.69 -14.75
C THR A 637 -21.13 -19.47 -14.58
N ARG A 638 -21.78 -19.82 -15.70
CA ARG A 638 -23.02 -20.61 -15.70
C ARG A 638 -22.84 -21.92 -14.99
N LYS A 639 -21.65 -22.48 -15.06
CA LYS A 639 -21.34 -23.80 -14.49
C LYS A 639 -20.88 -23.79 -13.04
N LEU A 640 -20.62 -22.61 -12.48
CA LEU A 640 -20.01 -22.52 -11.13
C LEU A 640 -20.81 -23.26 -10.08
N LEU A 641 -22.13 -23.17 -10.16
CA LEU A 641 -23.00 -23.73 -9.14
C LEU A 641 -23.38 -25.20 -9.36
N GLU A 642 -22.87 -25.79 -10.42
CA GLU A 642 -23.11 -27.19 -10.79
C GLU A 642 -22.16 -28.14 -10.13
N GLY A 643 -22.64 -29.33 -9.72
CA GLY A 643 -21.73 -30.42 -9.35
C GLY A 643 -21.02 -30.29 -8.02
N ASN A 644 -21.59 -29.45 -7.15
CA ASN A 644 -21.08 -29.26 -5.78
C ASN A 644 -19.55 -28.95 -5.75
N LYS A 645 -19.13 -28.08 -6.63
CA LYS A 645 -17.74 -27.67 -6.72
C LYS A 645 -17.28 -26.82 -5.53
N TYR A 646 -18.15 -25.97 -5.04
CA TYR A 646 -17.82 -25.02 -3.98
C TYR A 646 -18.86 -25.22 -2.84
N SER A 647 -18.50 -25.95 -1.78
CA SER A 647 -19.42 -26.48 -0.77
C SER A 647 -19.38 -25.65 0.50
N VAL A 648 -20.50 -25.00 0.85
CA VAL A 648 -20.58 -24.24 2.11
C VAL A 648 -20.86 -25.26 3.19
N ILE A 649 -19.90 -25.47 4.05
CA ILE A 649 -20.00 -26.44 5.11
C ILE A 649 -20.73 -25.85 6.34
N ARG A 650 -20.46 -24.59 6.66
CA ARG A 650 -21.13 -23.89 7.76
C ARG A 650 -21.00 -22.40 7.49
N ASN A 651 -21.99 -21.65 7.93
CA ASN A 651 -21.95 -20.18 7.79
C ASN A 651 -22.78 -19.53 8.88
N ASP A 652 -22.21 -19.42 10.08
CA ASP A 652 -22.97 -18.84 11.18
C ASP A 652 -22.05 -18.15 12.20
N ALA A 653 -22.61 -17.77 13.34
CA ALA A 653 -21.88 -17.03 14.37
C ALA A 653 -20.82 -17.88 15.07
N THR A 654 -20.84 -19.20 14.86
CA THR A 654 -19.81 -20.10 15.40
C THR A 654 -18.61 -20.27 14.45
N ALA A 655 -18.89 -20.55 13.21
CA ALA A 655 -17.85 -20.88 12.24
C ALA A 655 -18.35 -20.69 10.84
N GLN A 656 -17.39 -20.48 9.94
CA GLN A 656 -17.66 -20.34 8.52
C GLN A 656 -16.65 -21.24 7.76
N SER A 657 -17.11 -22.05 6.81
CA SER A 657 -16.23 -23.03 6.19
C SER A 657 -16.72 -23.39 4.81
N VAL A 658 -15.77 -23.64 3.91
CA VAL A 658 -15.98 -24.03 2.55
C VAL A 658 -15.05 -25.21 2.18
N GLU A 659 -15.58 -26.20 1.44
CA GLU A 659 -14.74 -27.23 0.85
C GLU A 659 -14.69 -26.93 -0.68
N PHE A 660 -13.49 -27.02 -1.18
CA PHE A 660 -13.18 -26.94 -2.58
C PHE A 660 -13.06 -28.36 -3.11
N LYS A 661 -14.00 -28.75 -3.95
CA LYS A 661 -14.00 -30.12 -4.53
C LYS A 661 -12.74 -30.45 -5.31
N THR A 662 -12.42 -29.66 -6.32
CA THR A 662 -11.29 -30.00 -7.20
C THR A 662 -9.93 -29.95 -6.48
N ALA A 663 -9.76 -28.95 -5.64
CA ALA A 663 -8.55 -28.79 -4.85
C ALA A 663 -8.43 -29.79 -3.71
N LYS A 664 -9.50 -30.55 -3.45
CA LYS A 664 -9.63 -31.50 -2.34
C LYS A 664 -9.16 -30.91 -1.00
N THR A 665 -9.64 -29.69 -0.73
CA THR A 665 -9.13 -28.92 0.37
C THR A 665 -10.31 -28.25 1.01
N THR A 666 -10.23 -28.18 2.33
CA THR A 666 -11.28 -27.55 3.15
C THR A 666 -10.73 -26.40 3.97
N ALA A 667 -11.49 -25.30 4.08
CA ALA A 667 -11.02 -24.11 4.78
C ALA A 667 -12.07 -23.65 5.77
N ALA A 668 -11.66 -23.07 6.89
CA ALA A 668 -12.59 -22.66 7.94
C ALA A 668 -12.06 -21.54 8.76
N THR A 669 -13.00 -20.70 9.25
CA THR A 669 -12.71 -19.73 10.29
C THR A 669 -13.63 -20.06 11.47
N PHE A 670 -13.12 -19.98 12.68
CA PHE A 670 -13.90 -20.21 13.90
C PHE A 670 -13.94 -18.97 14.72
N TRP A 671 -15.17 -18.61 15.13
CA TRP A 671 -15.45 -17.47 16.02
C TRP A 671 -15.64 -17.92 17.48
N LYS A 672 -16.14 -19.13 17.62
CA LYS A 672 -16.51 -19.72 18.92
C LYS A 672 -16.07 -21.16 18.87
N PRO A 673 -15.88 -21.81 20.04
CA PRO A 673 -15.56 -23.23 20.02
C PRO A 673 -16.70 -23.97 19.36
N GLY A 674 -16.37 -24.93 18.55
CA GLY A 674 -17.35 -25.70 17.81
C GLY A 674 -16.76 -26.46 16.66
N MET A 675 -17.67 -27.10 15.93
CA MET A 675 -17.36 -27.92 14.76
C MET A 675 -17.84 -27.22 13.50
N ALA A 676 -17.10 -27.35 12.41
CA ALA A 676 -17.61 -26.99 11.09
C ALA A 676 -17.39 -28.24 10.29
N GLY A 677 -18.46 -29.00 10.07
CA GLY A 677 -18.32 -30.33 9.49
C GLY A 677 -17.46 -31.23 10.37
N ASP A 678 -16.41 -31.86 9.84
CA ASP A 678 -15.65 -32.76 10.75
C ASP A 678 -14.40 -32.16 11.37
N LEU A 679 -14.25 -30.83 11.25
CA LEU A 679 -13.12 -30.12 11.87
C LEU A 679 -13.71 -29.36 13.04
N GLY A 680 -13.03 -29.40 14.17
CA GLY A 680 -13.43 -28.53 15.25
C GLY A 680 -12.25 -27.72 15.80
N ALA A 681 -12.58 -26.67 16.53
CA ALA A 681 -11.59 -25.83 17.21
C ALA A 681 -12.09 -25.45 18.60
N SER A 682 -11.13 -25.30 19.50
CA SER A 682 -11.41 -24.95 20.90
C SER A 682 -11.58 -23.44 21.09
N GLY A 683 -11.29 -22.65 20.06
CA GLY A 683 -11.41 -21.21 20.14
C GLY A 683 -11.11 -20.59 18.78
N PRO A 684 -10.93 -19.27 18.72
CA PRO A 684 -10.71 -18.59 17.44
C PRO A 684 -9.58 -19.26 16.65
N ALA A 685 -9.83 -19.44 15.36
CA ALA A 685 -8.84 -20.13 14.54
C ALA A 685 -9.13 -19.86 13.08
N CYS A 686 -8.06 -19.90 12.26
CA CYS A 686 -8.18 -20.07 10.82
C CYS A 686 -7.51 -21.41 10.52
N VAL A 687 -8.18 -22.24 9.71
CA VAL A 687 -7.61 -23.57 9.37
C VAL A 687 -7.85 -23.90 7.90
N VAL A 688 -6.85 -24.49 7.27
CA VAL A 688 -7.03 -25.09 5.94
C VAL A 688 -6.41 -26.51 6.03
N PHE A 689 -7.10 -27.49 5.48
CA PHE A 689 -6.56 -28.85 5.57
C PHE A 689 -6.85 -29.56 4.28
N SER A 690 -5.99 -30.55 4.02
CA SER A 690 -6.10 -31.42 2.86
C SER A 690 -5.42 -32.77 3.15
N ARG A 691 -6.15 -33.81 2.88
CA ARG A 691 -5.56 -35.17 2.99
C ARG A 691 -5.00 -35.65 1.65
N HIS A 692 -3.83 -36.27 1.72
CA HIS A 692 -3.12 -36.81 0.56
C HIS A 692 -2.76 -38.25 0.99
N GLY A 693 -3.57 -39.23 0.57
CA GLY A 693 -3.27 -40.62 0.92
C GLY A 693 -3.35 -40.81 2.43
N ASN A 694 -2.24 -41.26 3.02
CA ASN A 694 -2.11 -41.44 4.48
C ASN A 694 -1.53 -40.27 5.28
N GLU A 695 -1.45 -39.10 4.65
CA GLU A 695 -0.99 -37.89 5.32
C GLU A 695 -2.02 -36.77 5.33
N LEU A 696 -2.12 -36.08 6.45
CA LEU A 696 -2.98 -34.90 6.54
C LEU A 696 -2.13 -33.71 6.70
N SER A 697 -2.34 -32.74 5.81
CA SER A 697 -1.65 -31.45 5.86
C SER A 697 -2.63 -30.40 6.41
N LEU A 698 -2.14 -29.55 7.30
CA LEU A 698 -2.95 -28.46 7.90
C LEU A 698 -2.11 -27.27 7.97
N ALA A 699 -2.80 -26.13 7.77
CA ALA A 699 -2.30 -24.82 8.14
C ALA A 699 -3.25 -24.26 9.19
N VAL A 700 -2.68 -23.72 10.23
CA VAL A 700 -3.50 -23.12 11.30
C VAL A 700 -2.92 -21.80 11.77
N SER A 701 -3.80 -20.83 12.03
CA SER A 701 -3.40 -19.65 12.77
C SER A 701 -4.34 -19.43 13.95
N GLU A 702 -3.83 -18.71 14.92
CA GLU A 702 -4.51 -18.31 16.15
C GLU A 702 -4.67 -16.79 16.01
N PRO A 703 -5.79 -16.35 15.43
CA PRO A 703 -5.82 -15.02 14.84
C PRO A 703 -5.99 -13.90 15.83
N THR A 704 -6.33 -14.18 17.08
CA THR A 704 -6.40 -13.12 18.11
C THR A 704 -5.05 -12.56 18.45
N GLN A 705 -4.00 -13.38 18.28
CA GLN A 705 -2.64 -13.03 18.64
C GLN A 705 -2.41 -12.96 20.14
N LYS A 706 -3.38 -13.47 20.92
CA LYS A 706 -3.34 -13.36 22.39
C LYS A 706 -3.50 -14.68 23.12
N ALA A 707 -3.83 -15.78 22.44
CA ALA A 707 -4.06 -17.05 23.14
C ALA A 707 -2.82 -17.90 23.19
N ALA A 708 -2.59 -18.52 24.35
CA ALA A 708 -1.41 -19.38 24.55
C ALA A 708 -1.53 -20.76 23.93
N GLY A 709 -2.75 -21.20 23.74
CA GLY A 709 -3.05 -22.51 23.20
C GLY A 709 -4.27 -22.55 22.34
N LEU A 710 -4.33 -23.59 21.51
CA LEU A 710 -5.43 -23.86 20.60
C LEU A 710 -5.46 -25.35 20.35
N THR A 711 -6.63 -25.95 20.45
CA THR A 711 -6.81 -27.39 20.19
C THR A 711 -7.77 -27.62 19.04
N LEU A 712 -7.31 -28.37 18.04
CA LEU A 712 -8.16 -28.80 16.93
C LEU A 712 -8.69 -30.20 17.13
N THR A 713 -9.92 -30.42 16.68
CA THR A 713 -10.49 -31.75 16.60
C THR A 713 -10.34 -32.13 15.12
N LEU A 714 -9.51 -33.15 14.88
CA LEU A 714 -9.06 -33.40 13.54
C LEU A 714 -10.14 -34.07 12.66
N PRO A 715 -10.14 -33.69 11.38
CA PRO A 715 -11.03 -34.28 10.40
C PRO A 715 -10.40 -35.57 9.86
N GLU A 716 -11.16 -36.29 9.06
CA GLU A 716 -10.57 -37.39 8.21
C GLU A 716 -10.05 -38.58 9.05
N GLY A 717 -10.67 -38.82 10.20
CA GLY A 717 -10.39 -39.98 11.06
C GLY A 717 -9.19 -39.84 12.00
N THR A 718 -8.46 -40.94 12.20
CA THR A 718 -7.39 -41.05 13.17
C THR A 718 -6.04 -40.72 12.62
N TRP A 719 -5.26 -40.03 13.44
CA TRP A 719 -3.92 -39.60 13.09
C TRP A 719 -2.96 -40.02 14.19
N SER A 720 -1.79 -40.60 13.83
CA SER A 720 -0.91 -41.23 14.85
C SER A 720 0.38 -40.52 15.08
N SER A 721 0.87 -39.80 14.11
CA SER A 721 2.19 -39.21 14.19
C SER A 721 2.21 -37.81 13.60
N VAL A 722 3.13 -37.02 14.09
CA VAL A 722 3.35 -35.67 13.59
C VAL A 722 4.65 -35.73 12.82
N LEU A 723 4.54 -35.60 11.51
CA LEU A 723 5.67 -35.62 10.57
C LEU A 723 6.41 -34.31 10.45
N GLU A 724 5.65 -33.20 10.48
CA GLU A 724 6.21 -31.88 10.22
C GLU A 724 5.44 -30.94 11.12
N GLY A 725 6.14 -29.99 11.69
CA GLY A 725 5.57 -28.99 12.59
C GLY A 725 5.53 -29.51 14.01
N ALA A 726 4.94 -28.70 14.87
CA ALA A 726 4.90 -29.01 16.30
C ALA A 726 3.47 -29.06 16.77
N GLY A 727 3.21 -29.93 17.71
CA GLY A 727 1.89 -30.06 18.23
C GLY A 727 1.77 -31.41 18.88
N THR A 728 0.75 -31.57 19.70
CA THR A 728 0.55 -32.79 20.52
C THR A 728 -0.73 -33.47 20.12
N LEU A 729 -0.61 -34.71 19.64
CA LEU A 729 -1.80 -35.51 19.36
C LEU A 729 -2.43 -36.05 20.65
N GLY A 730 -3.74 -36.18 20.61
CA GLY A 730 -4.52 -36.85 21.65
C GLY A 730 -5.77 -37.46 21.10
N THR A 731 -6.64 -37.96 21.98
CA THR A 731 -7.97 -38.45 21.58
C THR A 731 -9.03 -37.86 22.49
N ASP A 732 -10.20 -37.56 21.96
CA ASP A 732 -11.28 -36.97 22.77
C ASP A 732 -12.26 -38.07 23.22
N ALA A 733 -13.32 -37.63 23.91
CA ALA A 733 -14.34 -38.52 24.51
C ALA A 733 -15.13 -39.33 23.50
N ASP A 734 -15.17 -38.82 22.28
CA ASP A 734 -15.90 -39.41 21.18
C ASP A 734 -14.98 -40.25 20.30
N GLY A 735 -13.73 -40.34 20.70
CA GLY A 735 -12.74 -41.09 19.96
C GLY A 735 -12.06 -40.40 18.77
N ARG A 736 -12.26 -39.08 18.68
CA ARG A 736 -11.66 -38.28 17.58
C ARG A 736 -10.23 -37.90 17.94
N SER A 737 -9.35 -37.78 16.95
CA SER A 737 -7.98 -37.32 17.20
C SER A 737 -8.01 -35.82 17.40
N THR A 738 -7.17 -35.34 18.29
CA THR A 738 -6.99 -33.91 18.55
C THR A 738 -5.55 -33.51 18.40
N LEU A 739 -5.35 -32.23 18.07
CA LEU A 739 -4.04 -31.67 17.93
C LEU A 739 -4.01 -30.41 18.80
N THR A 740 -3.18 -30.42 19.81
CA THR A 740 -2.95 -29.26 20.70
C THR A 740 -1.70 -28.53 20.34
N LEU A 741 -1.86 -27.22 20.15
CA LEU A 741 -0.84 -26.33 19.68
C LEU A 741 -0.47 -25.35 20.76
N ASP A 742 0.79 -25.07 20.89
CA ASP A 742 1.27 -23.99 21.72
C ASP A 742 1.35 -22.77 20.83
N THR A 743 0.45 -21.82 21.03
CA THR A 743 0.38 -20.61 20.21
C THR A 743 0.91 -19.33 20.85
N THR A 744 1.62 -19.51 21.97
CA THR A 744 2.17 -18.37 22.71
C THR A 744 3.06 -17.53 21.79
N GLY A 745 2.70 -16.25 21.63
CA GLY A 745 3.57 -15.32 20.91
C GLY A 745 3.64 -15.47 19.40
N LEU A 746 2.74 -16.24 18.83
CA LEU A 746 2.77 -16.48 17.38
C LEU A 746 2.42 -15.33 16.45
N SER A 747 1.77 -14.30 17.00
CA SER A 747 1.53 -13.04 16.30
C SER A 747 0.73 -13.26 15.03
N GLY A 748 -0.19 -14.21 15.08
CA GLY A 748 -1.06 -14.50 13.97
C GLY A 748 -0.46 -15.29 12.84
N LYS A 749 0.78 -15.74 13.02
CA LYS A 749 1.48 -16.45 11.95
C LYS A 749 0.93 -17.87 11.80
N THR A 750 1.12 -18.41 10.61
CA THR A 750 0.66 -19.74 10.27
C THR A 750 1.60 -20.82 10.77
N LYS A 751 1.06 -21.86 11.37
CA LYS A 751 1.78 -23.12 11.62
C LYS A 751 1.36 -24.15 10.59
N LEU A 752 2.35 -24.71 9.89
CA LEU A 752 2.14 -25.84 8.98
C LEU A 752 2.42 -27.15 9.71
N ILE A 753 1.48 -28.06 9.58
CA ILE A 753 1.55 -29.35 10.26
C ILE A 753 1.29 -30.41 9.22
N LYS A 754 2.03 -31.49 9.32
CA LYS A 754 1.69 -32.69 8.54
C LYS A 754 1.68 -33.88 9.48
N LEU A 755 0.64 -34.69 9.36
CA LEU A 755 0.39 -35.84 10.21
C LEU A 755 0.37 -37.07 9.35
N LYS A 756 0.62 -38.22 9.98
CA LYS A 756 0.52 -39.50 9.27
C LYS A 756 -0.49 -40.40 9.96
N ARG A 757 -1.22 -41.22 9.22
CA ARG A 757 -2.24 -42.13 9.81
C ARG A 757 -1.58 -43.02 10.88
#